data_4B4F
#
_entry.id   4B4F
#
_cell.length_a   42.950
_cell.length_b   106.700
_cell.length_c   92.470
_cell.angle_alpha   90.00
_cell.angle_beta   89.96
_cell.angle_gamma   90.00
#
_symmetry.space_group_name_H-M   'P 1 21 1'
#
loop_
_entity.id
_entity.type
_entity.pdbx_description
1 polymer BETA-1,4-EXOCELLULASE
2 branched beta-D-glucopyranose-(1-4)-beta-D-glucopyranose-(1-4)-beta-D-glucopyranose-(1-4)-beta-D-glucopyranose-(1-4)-beta-D-glucopyranose-(1-4)-beta-D-glucopyranose
3 branched beta-D-glucopyranose-(1-4)-beta-D-glucopyranose-(1-4)-beta-D-glucopyranose-(1-4)-beta-D-glucopyranose
4 non-polymer 'CALCIUM ION'
5 water water
#
_entity_poly.entity_id   1
_entity_poly.type   'polypeptide(L)'
_entity_poly.pdbx_seq_one_letter_code
;EKVDNPFEGAKLYVNPVWSAKAAAEPGGSAVANESTAVWLDRIGAIEGNDSPTTGSMGLRDHLEEAVRQSGGDPLTIQVV
IYNLPGRDCAALASNGELGPDELDRYKSEYIDPIADIMWDFADYENLRIVAIIEIDSLPNLVTNVGGNGGTELCAYMKQN
GGYVNGVGYALRKLGEIPNVYNYIDAAHHGWIGWDSNFGPSVDIFYEAANASGSTVDYVHGFISNTANYSATVEPYLDVN
GTVNGQLIRQSKWVDWNQYVDELSFVQDLRQALIAKGFRSDIGMLIDTSRNGWGGPNRPTGPSSSTDLNTYVDESRIDRR
IHPGNWCNQAGAGLGERPTVNPAPGVDAYVWVKPPGESDGASEEIPNDEGKGFDRMCDPTYQGNARNGNNPSGALPNAPI
SGHWFSAQFRELLANAYPPL
;
_entity_poly.pdbx_strand_id   A,B
#
loop_
_chem_comp.id
_chem_comp.type
_chem_comp.name
_chem_comp.formula
BGC D-saccharide, beta linking beta-D-glucopyranose 'C6 H12 O6'
CA non-polymer 'CALCIUM ION' 'Ca 2'
#
# COMPACT_ATOMS: atom_id res chain seq x y z
N GLU A 1 8.46 4.98 8.60
CA GLU A 1 9.86 4.90 8.09
C GLU A 1 10.10 5.85 6.90
N LYS A 2 9.02 6.19 6.19
CA LYS A 2 9.05 7.28 5.24
C LYS A 2 9.23 8.56 6.06
N VAL A 3 9.95 9.53 5.49
CA VAL A 3 10.17 10.81 6.18
C VAL A 3 8.85 11.56 6.39
N ASP A 4 8.79 12.37 7.44
CA ASP A 4 7.61 13.18 7.75
C ASP A 4 7.23 14.10 6.58
N ASN A 5 8.25 14.65 5.91
CA ASN A 5 8.06 15.58 4.81
C ASN A 5 9.04 15.29 3.68
N PRO A 6 8.55 14.68 2.58
CA PRO A 6 9.40 14.27 1.44
C PRO A 6 10.16 15.44 0.81
N PHE A 7 9.67 16.65 1.02
CA PHE A 7 10.33 17.85 0.47
C PHE A 7 11.50 18.36 1.31
N GLU A 8 11.51 18.00 2.59
CA GLU A 8 12.52 18.47 3.53
C GLU A 8 13.88 17.79 3.27
N GLY A 9 14.91 18.60 3.10
CA GLY A 9 16.28 18.10 2.91
C GLY A 9 16.52 17.45 1.55
N ALA A 10 15.72 17.80 0.56
CA ALA A 10 15.81 17.15 -0.74
C ALA A 10 16.00 18.14 -1.88
N LYS A 11 16.87 17.78 -2.82
CA LYS A 11 16.89 18.44 -4.11
C LYS A 11 15.53 18.22 -4.80
N LEU A 12 15.19 19.12 -5.71
CA LEU A 12 13.93 19.03 -6.42
C LEU A 12 14.19 18.76 -7.91
N TYR A 13 13.47 17.77 -8.43
CA TYR A 13 13.55 17.41 -9.84
C TYR A 13 13.30 18.57 -10.79
N VAL A 14 14.18 18.74 -11.78
CA VAL A 14 13.94 19.66 -12.89
C VAL A 14 13.53 18.88 -14.14
N ASN A 15 12.32 19.12 -14.61
CA ASN A 15 11.81 18.39 -15.78
C ASN A 15 12.43 18.97 -17.07
N PRO A 16 13.31 18.19 -17.74
CA PRO A 16 14.00 18.70 -18.93
C PRO A 16 13.06 19.11 -20.07
N VAL A 17 11.93 18.42 -20.23
CA VAL A 17 10.95 18.75 -21.28
C VAL A 17 10.30 20.12 -21.02
N TRP A 18 9.92 20.36 -19.77
CA TRP A 18 9.35 21.65 -19.38
C TRP A 18 10.41 22.72 -19.36
N SER A 19 11.58 22.38 -18.82
CA SER A 19 12.71 23.31 -18.76
C SER A 19 12.97 23.96 -20.12
N ALA A 20 13.08 23.13 -21.16
CA ALA A 20 13.41 23.60 -22.51
C ALA A 20 12.34 24.50 -23.12
N LYS A 21 11.08 24.21 -22.83
CA LYS A 21 9.97 25.05 -23.26
C LYS A 21 10.02 26.43 -22.59
N ALA A 22 10.33 26.45 -21.30
CA ALA A 22 10.48 27.70 -20.53
C ALA A 22 11.64 28.59 -21.02
N ALA A 23 12.82 28.01 -21.16
CA ALA A 23 14.03 28.73 -21.61
C ALA A 23 13.91 29.31 -23.05
N ALA A 24 13.08 28.68 -23.86
CA ALA A 24 12.82 29.13 -25.22
C ALA A 24 12.01 30.44 -25.32
N GLU A 25 11.30 30.80 -24.26
CA GLU A 25 10.58 32.08 -24.20
C GLU A 25 11.50 33.20 -23.75
N PRO A 26 11.21 34.46 -24.16
CA PRO A 26 11.99 35.64 -23.72
C PRO A 26 12.00 35.82 -22.20
N GLY A 27 13.19 35.73 -21.61
CA GLY A 27 13.34 35.80 -20.15
C GLY A 27 12.99 34.49 -19.44
N GLY A 28 12.67 33.45 -20.20
CA GLY A 28 12.23 32.17 -19.64
C GLY A 28 13.24 31.44 -18.77
N SER A 29 14.52 31.66 -19.06
CA SER A 29 15.63 31.05 -18.32
C SER A 29 15.62 31.39 -16.81
N ALA A 30 15.02 32.54 -16.46
CA ALA A 30 14.88 32.95 -15.06
C ALA A 30 14.10 31.96 -14.19
N VAL A 31 13.23 31.15 -14.80
CA VAL A 31 12.46 30.14 -14.05
C VAL A 31 12.67 28.71 -14.60
N ALA A 32 13.52 28.60 -15.62
CA ALA A 32 13.73 27.32 -16.33
C ALA A 32 14.25 26.18 -15.45
N ASN A 33 14.94 26.54 -14.36
CA ASN A 33 15.46 25.54 -13.44
C ASN A 33 14.62 25.35 -12.18
N GLU A 34 13.39 25.83 -12.21
CA GLU A 34 12.44 25.53 -11.15
C GLU A 34 11.91 24.11 -11.31
N SER A 35 11.51 23.51 -10.18
CA SER A 35 10.93 22.17 -10.20
C SER A 35 9.44 22.21 -10.53
N THR A 36 9.02 21.36 -11.47
CA THR A 36 7.61 21.17 -11.79
C THR A 36 7.25 19.69 -11.84
N ALA A 37 6.02 19.37 -11.45
CA ALA A 37 5.53 18.00 -11.45
C ALA A 37 5.38 17.40 -12.86
N VAL A 38 5.64 16.11 -12.97
CA VAL A 38 5.41 15.34 -14.21
C VAL A 38 4.00 14.75 -14.21
N TRP A 39 3.25 15.01 -15.27
CA TRP A 39 1.86 14.58 -15.37
C TRP A 39 1.70 13.32 -16.19
N LEU A 40 1.02 12.33 -15.63
CA LEU A 40 0.71 11.14 -16.39
C LEU A 40 -0.73 11.25 -16.87
N ASP A 41 -0.91 12.06 -17.91
CA ASP A 41 -2.25 12.45 -18.36
C ASP A 41 -2.91 11.41 -19.29
N ARG A 42 -2.17 10.36 -19.64
CA ARG A 42 -2.73 9.21 -20.35
C ARG A 42 -1.83 7.99 -20.28
N ILE A 43 -2.38 6.83 -20.64
CA ILE A 43 -1.62 5.57 -20.63
C ILE A 43 -0.34 5.71 -21.46
N GLY A 44 -0.44 6.39 -22.60
CA GLY A 44 0.71 6.63 -23.47
C GLY A 44 1.88 7.35 -22.80
N ALA A 45 1.58 8.15 -21.77
CA ALA A 45 2.63 8.91 -21.07
C ALA A 45 3.51 8.01 -20.19
N ILE A 46 3.05 6.80 -19.91
CA ILE A 46 3.79 5.89 -19.05
C ILE A 46 5.09 5.43 -19.72
N GLU A 47 4.98 4.97 -20.96
CA GLU A 47 6.16 4.55 -21.73
C GLU A 47 6.84 5.72 -22.43
N GLY A 48 6.08 6.77 -22.70
CA GLY A 48 6.53 7.87 -23.53
C GLY A 48 5.80 7.80 -24.85
N ASN A 49 5.17 8.90 -25.24
CA ASN A 49 4.32 8.93 -26.44
C ASN A 49 4.64 10.04 -27.44
N ASP A 50 5.74 10.75 -27.23
CA ASP A 50 6.12 11.90 -28.06
C ASP A 50 4.94 12.84 -28.30
N SER A 51 4.29 13.27 -27.21
CA SER A 51 3.08 14.08 -27.30
C SER A 51 3.33 15.57 -27.04
N PRO A 52 2.36 16.44 -27.41
CA PRO A 52 2.43 17.86 -27.06
C PRO A 52 2.41 18.10 -25.55
N THR A 53 1.70 17.25 -24.80
CA THR A 53 1.57 17.46 -23.34
C THR A 53 2.73 16.91 -22.52
N THR A 54 3.35 15.80 -22.96
CA THR A 54 4.40 15.16 -22.15
C THR A 54 5.71 14.83 -22.90
N GLY A 55 5.88 15.33 -24.12
CA GLY A 55 7.13 15.14 -24.86
C GLY A 55 7.59 13.70 -25.00
N SER A 56 8.90 13.49 -25.10
CA SER A 56 9.44 12.17 -25.41
C SER A 56 9.68 11.28 -24.19
N MET A 57 9.61 11.85 -23.00
CA MET A 57 9.96 11.12 -21.79
C MET A 57 8.77 10.38 -21.19
N GLY A 58 8.94 9.06 -20.98
CA GLY A 58 8.02 8.29 -20.16
C GLY A 58 8.41 8.37 -18.69
N LEU A 59 7.64 7.69 -17.84
CA LEU A 59 7.90 7.70 -16.39
C LEU A 59 9.29 7.20 -16.04
N ARG A 60 9.65 6.02 -16.55
CA ARG A 60 10.99 5.50 -16.34
C ARG A 60 12.06 6.51 -16.78
N ASP A 61 11.88 7.13 -17.96
CA ASP A 61 12.78 8.20 -18.39
C ASP A 61 12.94 9.32 -17.34
N HIS A 62 11.85 9.72 -16.71
CA HIS A 62 11.87 10.76 -15.69
C HIS A 62 12.53 10.32 -14.42
N LEU A 63 12.22 9.10 -13.99
CA LEU A 63 12.78 8.57 -12.74
C LEU A 63 14.27 8.31 -12.84
N GLU A 64 14.73 7.86 -14.01
CA GLU A 64 16.15 7.71 -14.30
C GLU A 64 16.87 9.07 -14.33
N GLU A 65 16.23 10.06 -14.94
CA GLU A 65 16.72 11.44 -14.92
C GLU A 65 16.79 11.98 -13.48
N ALA A 66 15.74 11.74 -12.69
CA ALA A 66 15.70 12.17 -11.29
C ALA A 66 16.85 11.58 -10.48
N VAL A 67 17.11 10.28 -10.67
CA VAL A 67 18.21 9.59 -10.02
C VAL A 67 19.57 10.19 -10.42
N ARG A 68 19.71 10.49 -11.70
CA ARG A 68 20.87 11.19 -12.26
C ARG A 68 21.07 12.57 -11.61
N GLN A 69 20.00 13.36 -11.54
CA GLN A 69 20.06 14.71 -10.97
C GLN A 69 20.41 14.70 -9.49
N SER A 70 20.05 13.60 -8.81
CA SER A 70 20.18 13.49 -7.35
C SER A 70 21.61 13.54 -6.80
N GLY A 71 22.56 12.98 -7.54
CA GLY A 71 23.94 12.84 -7.04
C GLY A 71 24.03 11.86 -5.87
N GLY A 72 23.08 10.94 -5.80
CA GLY A 72 23.01 9.98 -4.70
C GLY A 72 22.40 10.56 -3.43
N ASP A 73 22.20 11.88 -3.40
CA ASP A 73 21.56 12.56 -2.29
C ASP A 73 20.04 12.56 -2.46
N PRO A 74 19.30 12.80 -1.36
CA PRO A 74 17.83 12.89 -1.43
C PRO A 74 17.33 13.82 -2.55
N LEU A 75 16.46 13.29 -3.40
CA LEU A 75 15.83 14.10 -4.42
C LEU A 75 14.37 13.72 -4.53
N THR A 76 13.54 14.74 -4.71
CA THR A 76 12.11 14.57 -4.75
C THR A 76 11.52 14.98 -6.11
N ILE A 77 10.83 14.01 -6.72
CA ILE A 77 10.09 14.21 -7.96
C ILE A 77 8.59 14.10 -7.68
N GLN A 78 7.83 14.99 -8.26
CA GLN A 78 6.39 14.94 -8.21
C GLN A 78 5.74 14.33 -9.45
N VAL A 79 4.91 13.34 -9.23
CA VAL A 79 4.27 12.62 -10.33
C VAL A 79 2.77 12.71 -10.14
N VAL A 80 2.08 13.17 -11.19
CA VAL A 80 0.65 13.42 -11.12
C VAL A 80 -0.10 12.23 -11.71
N ILE A 81 -0.91 11.59 -10.86
CA ILE A 81 -1.75 10.51 -11.30
C ILE A 81 -3.06 11.14 -11.76
N TYR A 82 -3.32 11.10 -13.06
CA TYR A 82 -4.40 11.87 -13.66
C TYR A 82 -5.03 11.19 -14.87
N ASN A 83 -5.79 10.13 -14.64
CA ASN A 83 -6.40 9.37 -15.74
C ASN A 83 -7.63 8.54 -15.39
N LEU A 84 -8.38 8.97 -14.37
CA LEU A 84 -9.60 8.28 -13.96
C LEU A 84 -10.59 8.04 -15.10
N PRO A 85 -11.39 6.96 -15.03
CA PRO A 85 -12.53 6.80 -15.92
C PRO A 85 -13.47 7.98 -15.71
N GLY A 86 -14.03 8.51 -16.80
CA GLY A 86 -14.87 9.69 -16.73
C GLY A 86 -14.18 10.87 -16.06
N ARG A 87 -12.88 11.03 -16.35
CA ARG A 87 -12.06 12.13 -15.83
C ARG A 87 -12.68 13.49 -16.15
N ASP A 88 -12.62 14.42 -15.19
CA ASP A 88 -13.04 15.81 -15.43
C ASP A 88 -14.54 15.86 -15.71
N CYS A 89 -15.33 15.25 -14.83
CA CYS A 89 -16.74 15.00 -15.11
C CYS A 89 -17.66 16.23 -15.19
N ALA A 90 -17.26 17.33 -14.56
CA ALA A 90 -18.06 18.56 -14.61
C ALA A 90 -17.60 19.52 -15.71
N ALA A 91 -16.60 19.13 -16.48
CA ALA A 91 -16.01 19.95 -17.53
C ALA A 91 -15.68 19.14 -18.79
N LEU A 92 -15.04 19.79 -19.76
CA LEU A 92 -14.79 19.15 -21.06
C LEU A 92 -13.33 19.28 -21.51
N ALA A 93 -12.65 20.34 -21.08
CA ALA A 93 -11.30 20.66 -21.58
C ALA A 93 -10.28 19.56 -21.29
N SER A 94 -10.50 18.83 -20.20
CA SER A 94 -9.60 17.74 -19.84
C SER A 94 -10.31 16.42 -19.56
N ASN A 95 -11.36 16.12 -20.35
CA ASN A 95 -11.87 14.77 -20.44
C ASN A 95 -10.74 13.90 -21.04
N GLY A 96 -10.65 12.64 -20.62
CA GLY A 96 -9.52 11.79 -21.01
C GLY A 96 -9.92 10.59 -21.84
N GLU A 97 -8.97 9.70 -22.04
CA GLU A 97 -9.15 8.49 -22.85
C GLU A 97 -10.06 7.43 -22.23
N LEU A 98 -10.20 7.45 -20.90
CA LEU A 98 -10.95 6.38 -20.23
C LEU A 98 -12.36 6.81 -19.86
N GLY A 99 -13.34 6.13 -20.46
CA GLY A 99 -14.75 6.45 -20.26
C GLY A 99 -15.27 6.01 -18.90
N PRO A 100 -16.48 6.46 -18.54
CA PRO A 100 -17.06 6.23 -17.20
C PRO A 100 -17.13 4.77 -16.76
N ASP A 101 -17.19 3.84 -17.72
CA ASP A 101 -17.33 2.42 -17.41
C ASP A 101 -16.00 1.67 -17.50
N GLU A 102 -14.88 2.39 -17.50
CA GLU A 102 -13.59 1.76 -17.74
C GLU A 102 -12.63 1.72 -16.53
N LEU A 103 -13.18 1.53 -15.33
CA LEU A 103 -12.33 1.37 -14.13
C LEU A 103 -11.29 0.24 -14.30
N ASP A 104 -11.73 -0.89 -14.85
CA ASP A 104 -10.85 -2.07 -14.98
C ASP A 104 -9.61 -1.76 -15.82
N ARG A 105 -9.77 -0.91 -16.82
CA ARG A 105 -8.67 -0.50 -17.65
C ARG A 105 -7.75 0.46 -16.89
N TYR A 106 -8.35 1.37 -16.11
CA TYR A 106 -7.60 2.28 -15.24
C TYR A 106 -6.68 1.49 -14.32
N LYS A 107 -7.23 0.44 -13.71
CA LYS A 107 -6.47 -0.40 -12.79
C LYS A 107 -5.34 -1.16 -13.49
N SER A 108 -5.68 -1.89 -14.55
CA SER A 108 -4.77 -2.85 -15.14
C SER A 108 -3.84 -2.26 -16.18
N GLU A 109 -4.27 -1.20 -16.86
CA GLU A 109 -3.49 -0.63 -17.97
C GLU A 109 -2.91 0.74 -17.64
N TYR A 110 -3.39 1.35 -16.56
CA TYR A 110 -2.84 2.61 -16.09
C TYR A 110 -2.10 2.46 -14.76
N ILE A 111 -2.82 2.26 -13.65
CA ILE A 111 -2.17 2.18 -12.33
C ILE A 111 -1.13 1.06 -12.24
N ASP A 112 -1.48 -0.16 -12.69
CA ASP A 112 -0.55 -1.31 -12.57
C ASP A 112 0.81 -1.13 -13.27
N PRO A 113 0.83 -0.70 -14.55
CA PRO A 113 2.14 -0.37 -15.14
C PRO A 113 2.91 0.76 -14.44
N ILE A 114 2.21 1.76 -13.89
CA ILE A 114 2.88 2.82 -13.14
C ILE A 114 3.55 2.26 -11.87
N ALA A 115 2.80 1.47 -11.10
CA ALA A 115 3.30 0.83 -9.88
C ALA A 115 4.51 -0.08 -10.15
N ASP A 116 4.44 -0.84 -11.25
CA ASP A 116 5.57 -1.66 -11.71
C ASP A 116 6.86 -0.85 -11.96
N ILE A 117 6.74 0.28 -12.65
CA ILE A 117 7.90 1.13 -12.91
C ILE A 117 8.45 1.71 -11.60
N MET A 118 7.56 2.17 -10.71
CA MET A 118 7.99 2.74 -9.43
C MET A 118 8.65 1.70 -8.50
N TRP A 119 8.16 0.47 -8.52
CA TRP A 119 8.79 -0.64 -7.80
C TRP A 119 10.23 -0.90 -8.20
N ASP A 120 10.55 -0.63 -9.46
CA ASP A 120 11.93 -0.75 -9.96
C ASP A 120 12.88 0.33 -9.42
N PHE A 121 12.33 1.35 -8.78
CA PHE A 121 13.15 2.45 -8.26
C PHE A 121 13.15 2.47 -6.74
N ALA A 122 12.56 1.43 -6.15
CA ALA A 122 12.45 1.29 -4.70
C ALA A 122 13.80 0.99 -4.06
N ASP A 123 14.73 0.44 -4.84
CA ASP A 123 16.08 0.18 -4.35
C ASP A 123 16.99 1.42 -4.42
N TYR A 124 16.46 2.54 -4.90
CA TYR A 124 17.13 3.83 -4.81
C TYR A 124 16.71 4.49 -3.51
N GLU A 125 17.52 4.30 -2.46
CA GLU A 125 17.13 4.72 -1.11
C GLU A 125 16.85 6.22 -0.94
N ASN A 126 17.46 7.03 -1.81
CA ASN A 126 17.35 8.49 -1.68
C ASN A 126 16.41 9.15 -2.71
N LEU A 127 15.76 8.33 -3.53
CA LEU A 127 14.74 8.84 -4.43
C LEU A 127 13.39 8.89 -3.72
N ARG A 128 12.75 10.07 -3.74
CA ARG A 128 11.44 10.25 -3.15
C ARG A 128 10.44 10.61 -4.23
N ILE A 129 9.40 9.80 -4.39
CA ILE A 129 8.37 10.08 -5.37
C ILE A 129 7.10 10.62 -4.66
N VAL A 130 6.79 11.88 -4.91
CA VAL A 130 5.51 12.43 -4.44
C VAL A 130 4.47 12.14 -5.51
N ALA A 131 3.52 11.28 -5.17
CA ALA A 131 2.46 10.95 -6.09
C ALA A 131 1.28 11.83 -5.73
N ILE A 132 0.84 12.63 -6.70
CA ILE A 132 -0.27 13.55 -6.50
C ILE A 132 -1.50 12.91 -7.14
N ILE A 133 -2.47 12.60 -6.30
CA ILE A 133 -3.53 11.67 -6.71
C ILE A 133 -4.79 12.35 -7.25
N GLU A 134 -4.98 12.18 -8.55
CA GLU A 134 -6.22 12.52 -9.28
C GLU A 134 -6.79 13.90 -8.99
N ILE A 135 -6.21 14.88 -9.65
CA ILE A 135 -6.67 16.25 -9.60
C ILE A 135 -8.11 16.30 -10.10
N ASP A 136 -8.92 17.12 -9.44
CA ASP A 136 -10.24 17.49 -9.95
C ASP A 136 -11.15 16.26 -10.12
N SER A 137 -11.27 15.47 -9.07
CA SER A 137 -12.05 14.26 -9.11
C SER A 137 -13.09 14.23 -7.99
N LEU A 138 -12.67 13.85 -6.79
CA LEU A 138 -13.61 13.63 -5.69
C LEU A 138 -14.54 14.78 -5.30
N PRO A 139 -14.05 16.05 -5.32
CA PRO A 139 -14.95 17.16 -4.98
C PRO A 139 -16.10 17.38 -5.98
N ASN A 140 -15.94 16.88 -7.21
CA ASN A 140 -17.02 16.88 -8.20
C ASN A 140 -18.21 16.01 -7.76
N LEU A 141 -17.94 15.00 -6.95
CA LEU A 141 -19.00 14.12 -6.48
C LEU A 141 -19.81 14.75 -5.35
N VAL A 142 -19.29 15.86 -4.83
CA VAL A 142 -19.95 16.67 -3.80
C VAL A 142 -20.70 17.87 -4.40
N THR A 143 -20.08 18.54 -5.37
CA THR A 143 -20.61 19.83 -5.88
C THR A 143 -21.31 19.77 -7.25
N ASN A 144 -21.15 18.67 -7.99
CA ASN A 144 -21.64 18.61 -9.37
C ASN A 144 -22.49 17.37 -9.68
N VAL A 145 -23.36 17.00 -8.74
CA VAL A 145 -24.20 15.81 -8.86
C VAL A 145 -25.66 16.20 -8.66
N GLY A 146 -25.88 17.29 -7.91
CA GLY A 146 -27.20 17.70 -7.45
C GLY A 146 -28.21 18.13 -8.51
N GLY A 147 -27.83 18.02 -9.78
CA GLY A 147 -28.76 18.29 -10.88
C GLY A 147 -28.87 19.76 -11.26
N ASN A 148 -29.21 20.59 -10.27
CA ASN A 148 -29.28 22.04 -10.47
C ASN A 148 -27.91 22.67 -10.58
N GLY A 149 -27.29 22.48 -11.75
CA GLY A 149 -25.93 22.93 -11.99
C GLY A 149 -24.99 21.78 -12.34
N GLY A 150 -25.31 20.58 -11.86
CA GLY A 150 -24.42 19.41 -11.99
C GLY A 150 -24.41 18.76 -13.37
N THR A 151 -23.73 17.62 -13.48
CA THR A 151 -23.73 16.84 -14.72
C THR A 151 -24.09 15.38 -14.48
N GLU A 152 -24.71 14.76 -15.49
CA GLU A 152 -25.06 13.35 -15.44
C GLU A 152 -23.81 12.47 -15.32
N LEU A 153 -22.70 12.91 -15.94
CA LEU A 153 -21.45 12.16 -15.87
C LEU A 153 -20.95 12.07 -14.43
N CYS A 154 -20.96 13.20 -13.71
CA CYS A 154 -20.53 13.19 -12.30
C CYS A 154 -21.44 12.35 -11.43
N ALA A 155 -22.75 12.42 -11.69
CA ALA A 155 -23.75 11.61 -10.96
C ALA A 155 -23.46 10.13 -11.14
N TYR A 156 -23.19 9.75 -12.39
CA TYR A 156 -22.86 8.37 -12.73
C TYR A 156 -21.55 7.89 -12.07
N MET A 157 -20.53 8.75 -12.06
CA MET A 157 -19.24 8.40 -11.43
C MET A 157 -19.39 8.22 -9.92
N LYS A 158 -20.39 8.88 -9.34
CA LYS A 158 -20.74 8.68 -7.95
C LYS A 158 -21.40 7.32 -7.75
N GLN A 159 -22.43 7.02 -8.55
CA GLN A 159 -23.17 5.76 -8.38
C GLN A 159 -22.37 4.51 -8.71
N ASN A 160 -21.54 4.54 -9.75
CA ASN A 160 -20.71 3.37 -10.07
C ASN A 160 -19.49 3.21 -9.17
N GLY A 161 -19.15 4.28 -8.44
CA GLY A 161 -18.03 4.26 -7.50
C GLY A 161 -16.65 4.39 -8.14
N GLY A 162 -16.61 4.76 -9.43
CA GLY A 162 -15.37 4.80 -10.20
C GLY A 162 -14.29 5.75 -9.66
N TYR A 163 -14.71 6.93 -9.21
CA TYR A 163 -13.78 7.90 -8.64
C TYR A 163 -13.26 7.37 -7.30
N VAL A 164 -14.17 7.03 -6.39
CA VAL A 164 -13.79 6.54 -5.06
C VAL A 164 -12.87 5.32 -5.16
N ASN A 165 -13.27 4.34 -5.97
CA ASN A 165 -12.52 3.09 -6.11
C ASN A 165 -11.20 3.24 -6.85
N GLY A 166 -11.21 4.05 -7.90
CA GLY A 166 -10.00 4.37 -8.66
C GLY A 166 -8.92 5.02 -7.79
N VAL A 167 -9.34 5.98 -6.97
CA VAL A 167 -8.43 6.69 -6.06
C VAL A 167 -7.87 5.74 -4.99
N GLY A 168 -8.76 5.02 -4.32
CA GLY A 168 -8.35 4.00 -3.34
C GLY A 168 -7.41 2.96 -3.90
N TYR A 169 -7.62 2.58 -5.16
CA TYR A 169 -6.74 1.61 -5.83
C TYR A 169 -5.35 2.20 -6.03
N ALA A 170 -5.30 3.48 -6.43
CA ALA A 170 -4.05 4.16 -6.67
C ALA A 170 -3.31 4.39 -5.36
N LEU A 171 -4.05 4.71 -4.30
CA LEU A 171 -3.48 4.92 -2.97
C LEU A 171 -2.76 3.68 -2.43
N ARG A 172 -3.37 2.51 -2.58
CA ARG A 172 -2.77 1.27 -2.10
C ARG A 172 -1.62 0.82 -2.98
N LYS A 173 -1.87 0.72 -4.29
CA LYS A 173 -0.87 0.26 -5.24
C LYS A 173 0.40 1.10 -5.20
N LEU A 174 0.24 2.42 -5.11
CA LEU A 174 1.42 3.30 -5.04
C LEU A 174 1.93 3.48 -3.61
N GLY A 175 1.01 3.50 -2.64
CA GLY A 175 1.38 3.74 -1.24
C GLY A 175 2.18 2.63 -0.58
N GLU A 176 2.09 1.42 -1.12
CA GLU A 176 2.83 0.30 -0.54
C GLU A 176 4.28 0.24 -1.05
N ILE A 177 4.61 1.09 -2.01
CA ILE A 177 5.99 1.24 -2.49
C ILE A 177 6.74 2.12 -1.48
N PRO A 178 7.92 1.67 -1.01
CA PRO A 178 8.59 2.27 0.17
C PRO A 178 8.94 3.74 0.08
N ASN A 179 9.22 4.24 -1.12
CA ASN A 179 9.59 5.64 -1.28
C ASN A 179 8.52 6.52 -1.94
N VAL A 180 7.28 6.06 -1.96
CA VAL A 180 6.20 6.83 -2.60
C VAL A 180 5.34 7.55 -1.55
N TYR A 181 5.07 8.82 -1.81
CA TYR A 181 4.34 9.68 -0.87
C TYR A 181 3.07 10.17 -1.57
N ASN A 182 1.92 9.70 -1.10
CA ASN A 182 0.63 10.07 -1.69
C ASN A 182 0.03 11.34 -1.10
N TYR A 183 -0.28 12.30 -1.98
CA TYR A 183 -1.06 13.48 -1.61
C TYR A 183 -2.36 13.48 -2.39
N ILE A 184 -3.48 13.53 -1.67
CA ILE A 184 -4.81 13.53 -2.27
C ILE A 184 -5.19 14.95 -2.70
N ASP A 185 -5.82 15.09 -3.86
CA ASP A 185 -6.23 16.41 -4.32
C ASP A 185 -7.43 16.90 -3.53
N ALA A 186 -7.34 18.14 -3.06
CA ALA A 186 -8.34 18.70 -2.15
C ALA A 186 -8.96 19.99 -2.68
N ALA A 187 -9.13 20.06 -4.00
CA ALA A 187 -9.68 21.24 -4.68
C ALA A 187 -8.97 22.55 -4.26
N HIS A 188 -9.74 23.61 -4.02
CA HIS A 188 -9.24 24.87 -3.46
C HIS A 188 -10.38 25.53 -2.71
N HIS A 189 -10.12 26.65 -2.04
CA HIS A 189 -11.14 27.30 -1.21
C HIS A 189 -12.27 27.88 -2.02
N GLY A 190 -11.97 28.28 -3.24
CA GLY A 190 -12.98 28.81 -4.16
C GLY A 190 -13.90 27.74 -4.74
N TRP A 191 -13.67 26.49 -4.38
CA TRP A 191 -14.52 25.38 -4.79
C TRP A 191 -15.26 24.80 -3.61
N ILE A 192 -14.53 24.45 -2.55
CA ILE A 192 -15.11 23.69 -1.44
C ILE A 192 -14.99 24.41 -0.10
N GLY A 193 -14.69 25.71 -0.16
CA GLY A 193 -14.60 26.53 1.04
C GLY A 193 -15.92 26.77 1.78
N TRP A 194 -17.03 26.52 1.11
CA TRP A 194 -18.37 26.77 1.68
C TRP A 194 -18.81 25.72 2.67
N ASP A 195 -19.75 26.11 3.52
CA ASP A 195 -20.33 25.25 4.55
C ASP A 195 -20.94 23.98 3.98
N SER A 196 -21.63 24.11 2.85
CA SER A 196 -22.27 22.95 2.21
C SER A 196 -21.27 22.05 1.48
N ASN A 197 -20.06 22.53 1.25
CA ASN A 197 -19.08 21.78 0.46
C ASN A 197 -17.93 21.18 1.29
N PHE A 198 -17.53 21.90 2.34
CA PHE A 198 -16.34 21.59 3.13
C PHE A 198 -16.37 20.19 3.76
N GLY A 199 -17.32 19.99 4.67
CA GLY A 199 -17.48 18.71 5.37
C GLY A 199 -17.76 17.52 4.46
N PRO A 200 -18.67 17.69 3.48
CA PRO A 200 -18.91 16.57 2.56
C PRO A 200 -17.70 16.19 1.67
N SER A 201 -16.74 17.09 1.54
CA SER A 201 -15.50 16.78 0.81
C SER A 201 -14.58 15.98 1.71
N VAL A 202 -14.49 16.40 2.96
CA VAL A 202 -13.76 15.64 3.97
C VAL A 202 -14.29 14.19 4.01
N ASP A 203 -15.62 14.06 4.02
CA ASP A 203 -16.26 12.74 3.97
C ASP A 203 -15.83 11.89 2.78
N ILE A 204 -15.87 12.45 1.58
CA ILE A 204 -15.55 11.65 0.40
C ILE A 204 -14.06 11.30 0.28
N PHE A 205 -13.20 12.21 0.75
CA PHE A 205 -11.76 11.95 0.83
C PHE A 205 -11.52 10.73 1.70
N TYR A 206 -12.23 10.69 2.84
CA TYR A 206 -12.12 9.60 3.78
C TYR A 206 -12.68 8.31 3.18
N GLU A 207 -13.84 8.40 2.53
CA GLU A 207 -14.39 7.27 1.80
C GLU A 207 -13.38 6.69 0.79
N ALA A 208 -12.79 7.56 -0.04
CA ALA A 208 -11.86 7.12 -1.07
C ALA A 208 -10.60 6.48 -0.48
N ALA A 209 -10.10 7.06 0.62
CA ALA A 209 -8.93 6.55 1.32
C ALA A 209 -9.16 5.18 1.97
N ASN A 210 -10.42 4.77 2.10
CA ASN A 210 -10.76 3.43 2.61
C ASN A 210 -11.34 2.48 1.54
N ALA A 211 -11.22 2.86 0.28
CA ALA A 211 -11.71 2.04 -0.83
C ALA A 211 -10.59 1.18 -1.43
N SER A 212 -11.00 0.09 -2.07
CA SER A 212 -10.10 -0.81 -2.82
C SER A 212 -8.88 -1.26 -2.03
N GLY A 213 -9.08 -1.47 -0.72
CA GLY A 213 -8.03 -1.98 0.17
C GLY A 213 -7.15 -0.91 0.80
N SER A 214 -7.46 0.35 0.51
CA SER A 214 -6.71 1.45 1.09
C SER A 214 -7.17 1.73 2.53
N THR A 215 -6.27 2.29 3.32
CA THR A 215 -6.62 2.89 4.61
C THR A 215 -5.98 4.27 4.61
N VAL A 216 -6.31 5.09 5.60
CA VAL A 216 -5.70 6.43 5.74
C VAL A 216 -4.16 6.39 5.82
N ASP A 217 -3.62 5.25 6.20
CA ASP A 217 -2.16 5.11 6.32
C ASP A 217 -1.38 5.19 4.99
N TYR A 218 -2.10 5.15 3.86
CA TYR A 218 -1.46 5.33 2.57
C TYR A 218 -1.48 6.79 2.12
N VAL A 219 -2.01 7.67 2.97
CA VAL A 219 -2.16 9.08 2.62
C VAL A 219 -1.17 9.92 3.41
N HIS A 220 -0.19 10.49 2.71
CA HIS A 220 0.84 11.32 3.35
C HIS A 220 0.35 12.73 3.57
N GLY A 221 -0.59 13.16 2.74
CA GLY A 221 -1.16 14.49 2.88
C GLY A 221 -2.12 14.87 1.78
N PHE A 222 -2.29 16.17 1.57
CA PHE A 222 -3.30 16.72 0.67
C PHE A 222 -2.76 17.94 -0.06
N ILE A 223 -3.22 18.16 -1.29
CA ILE A 223 -2.84 19.36 -2.03
C ILE A 223 -4.05 20.17 -2.46
N SER A 224 -3.96 21.49 -2.29
CA SER A 224 -4.99 22.39 -2.78
C SER A 224 -4.46 23.26 -3.92
N ASN A 225 -5.38 23.91 -4.64
CA ASN A 225 -5.04 24.92 -5.64
C ASN A 225 -4.26 24.37 -6.83
N THR A 226 -4.36 23.06 -7.06
CA THR A 226 -3.69 22.46 -8.22
C THR A 226 -4.28 22.99 -9.51
N ALA A 227 -3.40 23.52 -10.37
CA ALA A 227 -3.78 24.10 -11.66
C ALA A 227 -4.80 25.21 -11.51
N ASN A 228 -4.85 25.85 -10.35
CA ASN A 228 -5.76 26.97 -10.12
C ASN A 228 -4.98 28.23 -9.71
N TYR A 229 -5.69 29.26 -9.23
CA TYR A 229 -5.14 30.62 -9.19
C TYR A 229 -5.41 31.34 -7.88
N SER A 230 -5.95 30.61 -6.89
CA SER A 230 -6.36 31.21 -5.63
C SER A 230 -5.20 31.70 -4.79
N ALA A 231 -5.35 32.89 -4.22
CA ALA A 231 -4.30 33.50 -3.40
C ALA A 231 -3.91 32.59 -2.24
N THR A 232 -2.60 32.51 -1.97
CA THR A 232 -2.09 31.79 -0.80
C THR A 232 -2.55 32.50 0.46
N VAL A 233 -2.27 33.80 0.51
CA VAL A 233 -2.72 34.68 1.58
C VAL A 233 -3.32 35.92 0.95
N GLU A 234 -4.48 36.33 1.45
CA GLU A 234 -5.05 37.61 1.07
C GLU A 234 -4.73 38.59 2.19
N PRO A 235 -3.62 39.35 2.02
CA PRO A 235 -3.08 40.19 3.09
C PRO A 235 -4.00 41.33 3.53
N TYR A 236 -4.87 41.82 2.65
CA TYR A 236 -5.69 42.99 2.97
C TYR A 236 -7.17 42.67 3.15
N LEU A 237 -7.46 41.38 3.24
CA LEU A 237 -8.81 40.87 3.29
C LEU A 237 -8.93 39.91 4.46
N ASP A 238 -9.98 40.09 5.25
CA ASP A 238 -10.26 39.26 6.41
C ASP A 238 -11.69 38.73 6.24
N VAL A 239 -11.80 37.43 5.96
CA VAL A 239 -13.05 36.81 5.53
C VAL A 239 -14.21 37.06 6.51
N ASN A 240 -13.86 37.28 7.77
CA ASN A 240 -14.87 37.44 8.80
C ASN A 240 -15.09 38.89 9.20
N GLY A 241 -14.40 39.80 8.54
CA GLY A 241 -14.48 41.23 8.84
C GLY A 241 -15.69 41.91 8.22
N THR A 242 -15.74 43.23 8.34
CA THR A 242 -16.88 44.03 7.85
C THR A 242 -16.45 45.26 7.03
N VAL A 243 -17.40 45.80 6.26
CA VAL A 243 -17.29 47.05 5.49
C VAL A 243 -18.71 47.51 5.13
N ASN A 244 -19.19 48.62 5.69
CA ASN A 244 -18.75 49.18 6.94
C ASN A 244 -19.97 49.03 7.84
N GLY A 245 -21.09 48.71 7.19
CA GLY A 245 -22.26 48.12 7.83
C GLY A 245 -22.65 46.82 7.13
N GLN A 246 -21.66 46.17 6.51
CA GLN A 246 -21.89 44.93 5.76
C GLN A 246 -20.77 43.91 5.96
N LEU A 247 -21.10 42.63 5.89
CA LEU A 247 -20.11 41.56 6.00
C LEU A 247 -19.28 41.37 4.71
N ILE A 248 -17.98 41.16 4.87
CA ILE A 248 -17.10 40.80 3.75
C ILE A 248 -17.66 39.60 2.98
N ARG A 249 -18.26 38.66 3.71
CA ARG A 249 -18.88 37.48 3.10
C ARG A 249 -20.10 37.77 2.22
N GLN A 250 -20.63 39.00 2.34
CA GLN A 250 -21.78 39.40 1.53
C GLN A 250 -21.32 39.98 0.18
N SER A 251 -20.02 40.22 0.03
CA SER A 251 -19.48 40.76 -1.22
C SER A 251 -19.68 39.77 -2.36
N LYS A 252 -19.76 40.27 -3.59
CA LYS A 252 -19.86 39.41 -4.76
C LYS A 252 -18.70 38.41 -4.81
N TRP A 253 -17.49 38.86 -4.47
CA TRP A 253 -16.30 38.02 -4.48
C TRP A 253 -16.38 36.87 -3.52
N VAL A 254 -16.55 37.16 -2.23
CA VAL A 254 -16.53 36.13 -1.19
C VAL A 254 -17.78 35.26 -1.29
N ASP A 255 -18.94 35.90 -1.42
CA ASP A 255 -20.20 35.21 -1.65
C ASP A 255 -20.48 34.09 -0.64
N TRP A 256 -20.33 34.41 0.65
CA TRP A 256 -20.64 33.49 1.75
C TRP A 256 -19.70 32.31 1.91
N ASN A 257 -18.61 32.32 1.17
CA ASN A 257 -17.50 31.40 1.42
C ASN A 257 -16.95 31.59 2.84
N GLN A 258 -16.47 30.53 3.46
CA GLN A 258 -15.81 30.60 4.77
CA GLN A 258 -15.82 30.63 4.77
C GLN A 258 -14.35 31.06 4.63
N TYR A 259 -13.81 31.00 3.41
CA TYR A 259 -12.41 31.35 3.17
C TYR A 259 -12.21 32.37 2.05
N VAL A 260 -11.17 33.19 2.17
CA VAL A 260 -10.73 34.07 1.07
C VAL A 260 -9.36 33.69 0.51
N ASP A 261 -8.68 32.73 1.14
CA ASP A 261 -7.38 32.26 0.65
C ASP A 261 -7.14 30.76 0.89
N GLU A 262 -6.01 30.28 0.36
CA GLU A 262 -5.68 28.85 0.40
C GLU A 262 -5.12 28.40 1.74
N LEU A 263 -4.29 29.25 2.35
CA LEU A 263 -3.60 28.89 3.59
C LEU A 263 -4.59 28.60 4.72
N SER A 264 -5.44 29.57 5.04
CA SER A 264 -6.42 29.41 6.11
C SER A 264 -7.31 28.21 5.81
N PHE A 265 -7.59 28.01 4.53
CA PHE A 265 -8.38 26.87 4.08
C PHE A 265 -7.68 25.51 4.32
N VAL A 266 -6.45 25.33 3.82
CA VAL A 266 -5.72 24.06 4.05
C VAL A 266 -5.46 23.78 5.53
N GLN A 267 -5.22 24.83 6.32
CA GLN A 267 -5.00 24.67 7.76
C GLN A 267 -6.23 24.14 8.49
N ASP A 268 -7.39 24.69 8.12
CA ASP A 268 -8.67 24.19 8.62
C ASP A 268 -9.02 22.80 8.09
N LEU A 269 -8.78 22.59 6.79
CA LEU A 269 -9.04 21.31 6.17
C LEU A 269 -8.17 20.23 6.82
N ARG A 270 -6.92 20.57 7.12
CA ARG A 270 -6.00 19.66 7.79
C ARG A 270 -6.53 19.19 9.15
N GLN A 271 -7.08 20.12 9.94
CA GLN A 271 -7.61 19.77 11.26
C GLN A 271 -8.83 18.87 11.17
N ALA A 272 -9.73 19.21 10.24
CA ALA A 272 -10.94 18.44 9.99
C ALA A 272 -10.68 17.01 9.46
N LEU A 273 -9.67 16.86 8.59
CA LEU A 273 -9.27 15.55 8.09
C LEU A 273 -8.73 14.65 9.20
N ILE A 274 -7.90 15.23 10.07
CA ILE A 274 -7.37 14.54 11.24
C ILE A 274 -8.49 14.09 12.19
N ALA A 275 -9.44 15.01 12.46
CA ALA A 275 -10.61 14.69 13.29
C ALA A 275 -11.50 13.63 12.61
N LYS A 276 -11.47 13.58 11.29
CA LYS A 276 -12.21 12.55 10.54
C LYS A 276 -11.53 11.18 10.67
N GLY A 277 -10.23 11.18 10.97
CA GLY A 277 -9.49 9.95 11.09
C GLY A 277 -8.28 9.79 10.18
N PHE A 278 -7.84 10.86 9.52
CA PHE A 278 -6.56 10.82 8.80
C PHE A 278 -5.43 10.96 9.82
N ARG A 279 -4.23 10.47 9.45
CA ARG A 279 -3.08 10.51 10.36
C ARG A 279 -2.82 11.94 10.85
N SER A 280 -2.40 12.07 12.10
CA SER A 280 -2.10 13.37 12.70
C SER A 280 -0.84 14.03 12.13
N ASP A 281 -0.01 13.23 11.47
CA ASP A 281 1.21 13.77 10.86
C ASP A 281 1.06 14.14 9.36
N ILE A 282 -0.16 14.23 8.86
CA ILE A 282 -0.39 14.63 7.45
C ILE A 282 0.07 16.06 7.22
N GLY A 283 0.55 16.36 6.02
CA GLY A 283 0.97 17.71 5.65
C GLY A 283 0.22 18.17 4.39
N MET A 284 0.00 19.47 4.28
CA MET A 284 -0.71 20.01 3.13
C MET A 284 0.27 20.58 2.11
N LEU A 285 -0.09 20.52 0.83
CA LEU A 285 0.64 21.26 -0.19
C LEU A 285 -0.29 22.31 -0.77
N ILE A 286 0.28 23.42 -1.23
CA ILE A 286 -0.46 24.36 -2.05
C ILE A 286 0.30 24.55 -3.35
N ASP A 287 -0.40 24.37 -4.47
CA ASP A 287 0.15 24.64 -5.78
C ASP A 287 0.21 26.16 -6.02
N THR A 288 1.42 26.71 -6.00
CA THR A 288 1.63 28.15 -6.16
C THR A 288 2.21 28.54 -7.53
N SER A 289 2.06 27.66 -8.50
CA SER A 289 2.57 27.88 -9.86
C SER A 289 2.06 29.16 -10.54
N ARG A 290 0.83 29.56 -10.21
CA ARG A 290 0.17 30.61 -10.96
C ARG A 290 -0.70 31.53 -10.13
N ASN A 291 -0.40 31.63 -8.83
CA ASN A 291 -1.22 32.41 -7.90
C ASN A 291 -0.51 33.62 -7.28
N GLY A 292 0.55 34.09 -7.95
CA GLY A 292 1.32 35.23 -7.46
C GLY A 292 0.61 36.57 -7.54
N TRP A 293 -0.14 36.79 -8.63
CA TRP A 293 -0.89 38.03 -8.85
C TRP A 293 -0.06 39.26 -8.66
N GLY A 294 1.16 39.25 -9.21
CA GLY A 294 2.08 40.37 -9.07
C GLY A 294 1.95 41.35 -10.20
N GLY A 295 2.97 42.19 -10.35
CA GLY A 295 2.98 43.21 -11.39
C GLY A 295 2.16 44.44 -10.99
N PRO A 296 2.11 45.45 -11.87
CA PRO A 296 1.61 46.80 -11.54
C PRO A 296 0.16 46.87 -11.03
N ASN A 297 -0.61 45.79 -11.19
CA ASN A 297 -2.01 45.79 -10.76
C ASN A 297 -2.22 45.22 -9.37
N ARG A 298 -1.15 44.74 -8.75
CA ARG A 298 -1.26 44.16 -7.42
C ARG A 298 -1.50 45.28 -6.42
N PRO A 299 -2.58 45.17 -5.62
CA PRO A 299 -2.85 46.19 -4.61
C PRO A 299 -1.67 46.30 -3.64
N THR A 300 -1.36 47.51 -3.23
CA THR A 300 -0.21 47.74 -2.34
C THR A 300 -0.64 47.77 -0.88
N GLY A 301 -1.94 47.90 -0.64
CA GLY A 301 -2.50 47.89 0.72
C GLY A 301 -4.00 47.87 0.67
N PRO A 302 -4.66 47.90 1.85
CA PRO A 302 -6.12 47.86 1.87
C PRO A 302 -6.74 49.08 1.21
N SER A 303 -7.92 48.92 0.61
CA SER A 303 -8.65 50.03 0.01
C SER A 303 -9.16 50.97 1.11
N SER A 304 -9.35 52.24 0.74
CA SER A 304 -9.88 53.25 1.66
C SER A 304 -11.38 53.41 1.49
N SER A 305 -11.92 52.74 0.48
CA SER A 305 -13.36 52.75 0.22
C SER A 305 -14.16 52.16 1.37
N THR A 306 -15.33 52.74 1.62
CA THR A 306 -16.27 52.20 2.62
C THR A 306 -17.46 51.51 1.92
N ASP A 307 -17.38 51.42 0.60
CA ASP A 307 -18.33 50.60 -0.16
C ASP A 307 -17.84 49.15 -0.14
N LEU A 308 -18.74 48.23 0.21
CA LEU A 308 -18.39 46.82 0.42
C LEU A 308 -17.62 46.21 -0.76
N ASN A 309 -18.28 46.16 -1.91
CA ASN A 309 -17.70 45.55 -3.09
C ASN A 309 -16.47 46.27 -3.61
N THR A 310 -16.45 47.60 -3.48
CA THR A 310 -15.28 48.39 -3.85
C THR A 310 -14.08 48.13 -2.94
N TYR A 311 -14.33 48.04 -1.63
CA TYR A 311 -13.24 47.73 -0.71
C TYR A 311 -12.62 46.37 -1.04
N VAL A 312 -13.47 45.38 -1.24
CA VAL A 312 -13.05 44.01 -1.53
C VAL A 312 -12.30 43.96 -2.86
N ASP A 313 -12.90 44.51 -3.91
CA ASP A 313 -12.35 44.38 -5.25
C ASP A 313 -11.03 45.13 -5.44
N GLU A 314 -10.84 46.22 -4.70
CA GLU A 314 -9.59 46.98 -4.71
C GLU A 314 -8.53 46.43 -3.78
N SER A 315 -8.95 45.68 -2.76
CA SER A 315 -8.05 45.13 -1.76
C SER A 315 -7.52 43.74 -2.11
N ARG A 316 -8.27 42.97 -2.91
CA ARG A 316 -7.91 41.56 -3.17
C ARG A 316 -6.78 41.41 -4.18
N ILE A 317 -5.88 40.46 -3.93
CA ILE A 317 -4.78 40.21 -4.86
C ILE A 317 -5.21 39.24 -5.97
N ASP A 318 -6.13 38.32 -5.67
CA ASP A 318 -6.74 37.48 -6.70
C ASP A 318 -7.67 38.39 -7.51
N ARG A 319 -7.26 38.73 -8.73
CA ARG A 319 -7.97 39.75 -9.51
CA ARG A 319 -7.92 39.73 -9.56
C ARG A 319 -9.01 39.17 -10.47
N ARG A 320 -9.42 37.93 -10.25
CA ARG A 320 -10.41 37.29 -11.12
C ARG A 320 -11.81 37.88 -10.95
N ILE A 321 -12.63 37.78 -11.99
CA ILE A 321 -14.03 38.22 -11.89
C ILE A 321 -14.81 37.37 -10.88
N HIS A 322 -14.54 36.07 -10.86
CA HIS A 322 -15.25 35.13 -10.00
C HIS A 322 -14.30 34.03 -9.61
N PRO A 323 -14.47 33.45 -8.40
CA PRO A 323 -13.56 32.36 -7.99
C PRO A 323 -13.71 31.09 -8.81
N GLY A 324 -14.85 30.93 -9.48
CA GLY A 324 -15.09 29.79 -10.36
C GLY A 324 -14.48 29.92 -11.74
N ASN A 325 -13.74 31.01 -11.99
CA ASN A 325 -13.06 31.22 -13.27
C ASN A 325 -11.72 30.50 -13.28
N TRP A 326 -11.68 29.32 -13.89
CA TRP A 326 -10.55 28.42 -13.71
C TRP A 326 -9.60 28.31 -14.87
N CYS A 327 -10.02 28.79 -16.05
CA CYS A 327 -9.26 28.52 -17.27
C CYS A 327 -8.42 29.68 -17.78
N ASN A 328 -7.13 29.39 -17.96
CA ASN A 328 -6.15 30.33 -18.53
C ASN A 328 -6.35 31.78 -18.11
N GLN A 329 -6.35 32.00 -16.80
CA GLN A 329 -6.83 33.26 -16.26
C GLN A 329 -5.94 34.47 -16.57
N ALA A 330 -6.54 35.41 -17.30
CA ALA A 330 -5.89 36.65 -17.74
C ALA A 330 -5.36 37.45 -16.57
N GLY A 331 -4.09 37.86 -16.64
CA GLY A 331 -3.49 38.70 -15.60
C GLY A 331 -2.77 37.97 -14.49
N ALA A 332 -2.85 36.63 -14.51
CA ALA A 332 -2.17 35.80 -13.53
C ALA A 332 -0.67 35.87 -13.65
N GLY A 333 0.01 35.74 -12.51
CA GLY A 333 1.46 35.67 -12.48
C GLY A 333 1.93 34.40 -11.77
N LEU A 334 3.20 34.08 -11.97
CA LEU A 334 3.88 33.05 -11.22
C LEU A 334 3.82 33.36 -9.71
N GLY A 335 3.49 32.35 -8.91
CA GLY A 335 3.48 32.51 -7.47
C GLY A 335 4.81 32.19 -6.83
N GLU A 336 4.81 32.01 -5.52
CA GLU A 336 6.01 31.69 -4.76
C GLU A 336 6.69 30.45 -5.32
N ARG A 337 8.01 30.51 -5.46
CA ARG A 337 8.77 29.37 -5.97
C ARG A 337 8.76 28.25 -4.93
N PRO A 338 8.88 26.98 -5.38
CA PRO A 338 8.78 25.85 -4.46
C PRO A 338 9.60 26.04 -3.18
N THR A 339 8.93 25.88 -2.03
CA THR A 339 9.49 26.21 -0.71
C THR A 339 9.07 25.17 0.31
N VAL A 340 10.01 24.75 1.15
CA VAL A 340 9.76 23.74 2.20
C VAL A 340 9.16 24.35 3.47
N ASN A 341 8.13 23.66 4.00
CA ASN A 341 7.46 24.05 5.26
C ASN A 341 7.32 25.57 5.45
N PRO A 342 6.66 26.25 4.49
CA PRO A 342 6.53 27.70 4.54
C PRO A 342 5.59 28.21 5.63
N ALA A 343 4.76 27.33 6.16
CA ALA A 343 3.73 27.72 7.12
C ALA A 343 3.25 26.52 7.94
N PRO A 344 2.61 26.78 9.09
CA PRO A 344 2.10 25.70 9.94
C PRO A 344 1.20 24.72 9.17
N GLY A 345 1.53 23.43 9.26
CA GLY A 345 0.76 22.38 8.61
C GLY A 345 1.02 22.19 7.12
N VAL A 346 1.87 23.04 6.53
CA VAL A 346 2.14 22.99 5.09
C VAL A 346 3.51 22.37 4.83
N ASP A 347 3.54 21.19 4.20
CA ASP A 347 4.78 20.52 3.81
C ASP A 347 5.62 21.35 2.82
N ALA A 348 4.94 22.00 1.87
CA ALA A 348 5.59 22.79 0.82
C ALA A 348 4.59 23.55 -0.03
N TYR A 349 5.03 24.68 -0.56
CA TYR A 349 4.41 25.26 -1.73
C TYR A 349 5.10 24.60 -2.92
N VAL A 350 4.32 24.20 -3.90
CA VAL A 350 4.83 23.41 -4.99
C VAL A 350 4.34 23.94 -6.32
N TRP A 351 5.09 23.66 -7.37
CA TRP A 351 4.66 23.97 -8.73
C TRP A 351 4.25 22.69 -9.35
N VAL A 352 2.96 22.38 -9.24
CA VAL A 352 2.43 21.12 -9.79
C VAL A 352 1.96 21.31 -11.22
N LYS A 353 1.07 22.28 -11.44
CA LYS A 353 0.72 22.71 -12.79
C LYS A 353 1.96 23.39 -13.38
N PRO A 354 2.46 22.90 -14.54
CA PRO A 354 3.65 23.53 -15.09
C PRO A 354 3.29 24.82 -15.84
N PRO A 355 3.81 25.97 -15.36
CA PRO A 355 3.48 27.29 -15.90
C PRO A 355 3.74 27.40 -17.40
N GLY A 356 2.73 27.85 -18.15
CA GLY A 356 2.84 27.92 -19.60
C GLY A 356 2.10 26.81 -20.34
N GLU A 357 1.75 25.74 -19.62
CA GLU A 357 0.92 24.70 -20.22
C GLU A 357 -0.54 25.14 -20.09
N SER A 358 -1.31 24.96 -21.16
CA SER A 358 -2.68 25.49 -21.20
C SER A 358 -3.64 24.73 -20.29
N ASP A 359 -4.68 25.42 -19.82
CA ASP A 359 -5.78 24.76 -19.09
C ASP A 359 -6.83 24.22 -20.06
N GLY A 360 -6.72 24.58 -21.33
CA GLY A 360 -7.74 24.22 -22.31
C GLY A 360 -7.81 25.18 -23.48
N ALA A 361 -8.32 24.69 -24.60
CA ALA A 361 -8.38 25.44 -25.85
C ALA A 361 -9.49 26.47 -25.80
N SER A 362 -9.24 27.62 -26.44
CA SER A 362 -10.23 28.69 -26.54
C SER A 362 -11.19 28.48 -27.72
N GLU A 363 -10.94 27.44 -28.50
CA GLU A 363 -11.83 27.05 -29.61
C GLU A 363 -11.83 25.53 -29.81
N GLU A 364 -12.66 25.05 -30.73
CA GLU A 364 -12.63 23.65 -31.15
C GLU A 364 -11.31 23.35 -31.83
N ILE A 365 -10.53 22.43 -31.28
CA ILE A 365 -9.34 21.94 -31.94
C ILE A 365 -9.37 20.40 -31.93
N PRO A 366 -9.33 19.78 -33.14
CA PRO A 366 -9.35 18.31 -33.25
C PRO A 366 -8.17 17.66 -32.53
N ASN A 367 -8.46 16.70 -31.65
CA ASN A 367 -7.41 15.99 -30.94
C ASN A 367 -7.72 14.50 -30.72
N ASP A 368 -6.70 13.74 -30.33
CA ASP A 368 -6.85 12.31 -30.04
C ASP A 368 -6.76 12.04 -28.53
N GLU A 369 -6.89 13.10 -27.72
CA GLU A 369 -6.65 13.02 -26.29
C GLU A 369 -7.95 12.88 -25.50
N GLY A 370 -9.07 12.89 -26.22
CA GLY A 370 -10.41 12.76 -25.64
C GLY A 370 -10.93 14.07 -25.07
N LYS A 371 -10.27 15.18 -25.39
CA LYS A 371 -10.62 16.48 -24.84
C LYS A 371 -11.55 17.28 -25.75
N GLY A 372 -12.64 17.77 -25.18
CA GLY A 372 -13.58 18.63 -25.91
C GLY A 372 -13.34 20.11 -25.67
N PHE A 373 -14.08 20.94 -26.41
CA PHE A 373 -14.00 22.39 -26.27
C PHE A 373 -14.85 22.86 -25.09
N ASP A 374 -14.18 23.44 -24.11
CA ASP A 374 -14.86 23.90 -22.90
C ASP A 374 -15.02 25.41 -22.94
N ARG A 375 -16.25 25.86 -22.89
CA ARG A 375 -16.56 27.28 -23.04
C ARG A 375 -15.98 28.15 -21.92
N MET A 376 -15.68 27.56 -20.77
CA MET A 376 -14.97 28.26 -19.70
C MET A 376 -13.55 28.69 -20.10
N CYS A 377 -13.06 28.17 -21.22
CA CYS A 377 -11.77 28.57 -21.79
C CYS A 377 -11.94 29.51 -22.98
N ASP A 378 -13.18 29.93 -23.24
CA ASP A 378 -13.51 30.82 -24.33
C ASP A 378 -13.67 32.23 -23.75
N PRO A 379 -12.78 33.16 -24.15
CA PRO A 379 -12.80 34.52 -23.59
C PRO A 379 -14.18 35.18 -23.70
N THR A 380 -14.87 34.88 -24.79
CA THR A 380 -16.17 35.50 -25.09
C THR A 380 -17.34 34.80 -24.39
N TYR A 381 -17.05 33.77 -23.61
CA TYR A 381 -18.09 33.05 -22.87
C TYR A 381 -18.61 33.88 -21.73
N GLN A 382 -19.93 34.07 -21.72
CA GLN A 382 -20.61 34.87 -20.70
C GLN A 382 -21.03 34.06 -19.46
N GLY A 383 -20.61 32.79 -19.40
CA GLY A 383 -20.70 32.01 -18.17
C GLY A 383 -22.00 31.28 -17.88
N ASN A 384 -22.11 30.82 -16.65
CA ASN A 384 -23.21 29.97 -16.17
C ASN A 384 -23.36 30.07 -14.65
N ALA A 385 -24.24 29.25 -14.08
CA ALA A 385 -24.53 29.26 -12.64
C ALA A 385 -23.33 29.00 -11.73
N ARG A 386 -22.39 28.16 -12.18
CA ARG A 386 -21.20 27.83 -11.40
CA ARG A 386 -21.19 27.83 -11.39
C ARG A 386 -20.22 29.01 -11.23
N ASN A 387 -20.20 29.92 -12.21
CA ASN A 387 -19.30 31.09 -12.11
C ASN A 387 -20.00 32.44 -11.93
N GLY A 388 -21.22 32.41 -11.40
CA GLY A 388 -22.02 33.63 -11.18
C GLY A 388 -22.46 34.33 -12.46
N ASN A 389 -22.55 33.55 -13.55
CA ASN A 389 -22.92 34.04 -14.89
C ASN A 389 -22.02 35.19 -15.40
N ASN A 390 -20.71 34.97 -15.26
CA ASN A 390 -19.70 35.99 -15.53
C ASN A 390 -18.88 35.65 -16.77
N PRO A 391 -18.20 36.66 -17.34
CA PRO A 391 -17.25 36.33 -18.40
C PRO A 391 -16.20 35.38 -17.84
N SER A 392 -15.71 34.48 -18.70
CA SER A 392 -14.74 33.46 -18.30
C SER A 392 -13.43 34.02 -17.76
N GLY A 393 -13.05 35.22 -18.22
CA GLY A 393 -11.73 35.80 -17.94
C GLY A 393 -10.57 35.01 -18.53
N ALA A 394 -10.87 34.08 -19.43
CA ALA A 394 -9.87 33.24 -20.06
C ALA A 394 -9.04 34.01 -21.09
N LEU A 395 -7.78 33.64 -21.25
CA LEU A 395 -6.92 34.23 -22.27
C LEU A 395 -7.29 33.75 -23.69
N PRO A 396 -7.30 34.68 -24.67
CA PRO A 396 -7.60 34.35 -26.06
C PRO A 396 -6.55 33.47 -26.73
N ASN A 397 -6.96 32.76 -27.78
CA ASN A 397 -6.08 31.92 -28.61
C ASN A 397 -5.26 30.91 -27.79
N ALA A 398 -5.95 30.19 -26.92
CA ALA A 398 -5.34 29.13 -26.14
C ALA A 398 -5.38 27.78 -26.86
N PRO A 399 -4.31 26.97 -26.71
CA PRO A 399 -4.30 25.63 -27.26
C PRO A 399 -4.87 24.60 -26.29
N ILE A 400 -5.02 23.35 -26.75
CA ILE A 400 -5.52 22.25 -25.93
C ILE A 400 -4.75 22.16 -24.61
N SER A 401 -5.46 21.81 -23.53
CA SER A 401 -4.87 21.72 -22.20
C SER A 401 -3.58 20.88 -22.20
N GLY A 402 -2.58 21.37 -21.48
CA GLY A 402 -1.29 20.69 -21.44
C GLY A 402 -0.31 21.15 -22.52
N HIS A 403 -0.84 21.70 -23.61
CA HIS A 403 -0.01 22.21 -24.71
C HIS A 403 0.60 23.52 -24.32
N TRP A 404 1.75 23.83 -24.91
CA TRP A 404 2.44 25.07 -24.60
C TRP A 404 1.66 26.28 -25.05
N PHE A 405 1.56 27.26 -24.16
CA PHE A 405 0.79 28.48 -24.38
C PHE A 405 1.71 29.67 -24.11
N SER A 406 2.41 30.08 -25.18
CA SER A 406 3.42 31.15 -25.11
CA SER A 406 3.42 31.15 -25.11
C SER A 406 2.92 32.43 -24.45
N ALA A 407 1.74 32.89 -24.84
CA ALA A 407 1.20 34.13 -24.28
C ALA A 407 1.07 34.02 -22.77
N GLN A 408 0.50 32.90 -22.31
CA GLN A 408 0.31 32.69 -20.89
C GLN A 408 1.63 32.63 -20.09
N PHE A 409 2.63 31.92 -20.63
CA PHE A 409 3.93 31.89 -19.98
C PHE A 409 4.54 33.28 -19.82
N ARG A 410 4.50 34.07 -20.89
CA ARG A 410 5.03 35.44 -20.85
C ARG A 410 4.34 36.32 -19.80
N GLU A 411 3.02 36.30 -19.79
CA GLU A 411 2.30 37.08 -18.78
C GLU A 411 2.62 36.59 -17.36
N LEU A 412 2.53 35.28 -17.16
CA LEU A 412 2.87 34.67 -15.86
C LEU A 412 4.24 35.13 -15.35
N LEU A 413 5.25 35.03 -16.22
CA LEU A 413 6.60 35.49 -15.91
C LEU A 413 6.62 36.96 -15.50
N ALA A 414 6.08 37.83 -16.36
CA ALA A 414 5.99 39.27 -16.07
C ALA A 414 5.33 39.58 -14.73
N ASN A 415 4.31 38.82 -14.36
CA ASN A 415 3.55 39.10 -13.15
C ASN A 415 3.90 38.25 -11.94
N ALA A 416 5.07 37.60 -11.99
CA ALA A 416 5.56 36.79 -10.87
C ALA A 416 5.54 37.55 -9.56
N TYR A 417 5.09 36.88 -8.50
CA TYR A 417 5.19 37.42 -7.16
C TYR A 417 5.62 36.35 -6.16
N PRO A 418 6.67 36.63 -5.38
CA PRO A 418 7.52 37.83 -5.38
C PRO A 418 8.28 38.01 -6.70
N PRO A 419 8.75 39.24 -6.99
CA PRO A 419 9.45 39.46 -8.24
C PRO A 419 10.69 38.57 -8.35
N LEU A 420 10.99 38.17 -9.58
CA LEU A 420 12.13 37.32 -9.85
C LEU A 420 13.41 38.14 -9.80
N GLU B 1 -6.38 -46.21 17.64
CA GLU B 1 -5.39 -45.64 16.68
C GLU B 1 -5.96 -44.44 15.91
N LYS B 2 -5.12 -43.41 15.75
CA LYS B 2 -5.48 -42.15 15.11
C LYS B 2 -5.85 -42.32 13.63
N VAL B 3 -6.74 -41.46 13.14
CA VAL B 3 -7.12 -41.44 11.71
C VAL B 3 -5.93 -41.04 10.84
N ASP B 4 -5.91 -41.53 9.60
CA ASP B 4 -4.85 -41.23 8.65
C ASP B 4 -4.68 -39.71 8.48
N ASN B 5 -5.81 -39.03 8.34
CA ASN B 5 -5.86 -37.63 8.02
C ASN B 5 -6.92 -36.97 8.89
N PRO B 6 -6.48 -36.24 9.94
CA PRO B 6 -7.38 -35.64 10.93
C PRO B 6 -8.35 -34.61 10.34
N PHE B 7 -8.00 -34.09 9.15
CA PHE B 7 -8.85 -33.11 8.45
C PHE B 7 -10.00 -33.76 7.67
N GLU B 8 -9.84 -35.05 7.38
CA GLU B 8 -10.80 -35.79 6.59
C GLU B 8 -12.07 -36.08 7.39
N GLY B 9 -13.21 -35.71 6.82
CA GLY B 9 -14.52 -35.96 7.45
C GLY B 9 -14.76 -35.13 8.70
N ALA B 10 -14.03 -34.04 8.84
CA ALA B 10 -14.13 -33.23 10.03
C ALA B 10 -14.60 -31.81 9.75
N LYS B 11 -15.52 -31.33 10.58
CA LYS B 11 -15.80 -29.91 10.65
C LYS B 11 -14.53 -29.19 11.12
N LEU B 12 -14.42 -27.91 10.75
CA LEU B 12 -13.24 -27.16 11.11
C LEU B 12 -13.56 -26.04 12.09
N TYR B 13 -12.68 -25.89 13.09
CA TYR B 13 -12.81 -24.87 14.12
C TYR B 13 -12.80 -23.45 13.57
N VAL B 14 -13.73 -22.63 14.08
CA VAL B 14 -13.75 -21.19 13.77
C VAL B 14 -13.34 -20.45 15.02
N ASN B 15 -12.20 -19.77 14.96
CA ASN B 15 -11.70 -19.03 16.12
C ASN B 15 -12.52 -17.76 16.30
N PRO B 16 -13.30 -17.66 17.42
CA PRO B 16 -14.18 -16.49 17.59
C PRO B 16 -13.43 -15.17 17.68
N VAL B 17 -12.23 -15.17 18.26
CA VAL B 17 -11.41 -13.98 18.39
C VAL B 17 -10.98 -13.47 17.01
N TRP B 18 -10.45 -14.36 16.19
CA TRP B 18 -10.05 -14.01 14.82
C TRP B 18 -11.24 -13.69 13.97
N SER B 19 -12.33 -14.43 14.18
CA SER B 19 -13.57 -14.24 13.42
C SER B 19 -14.11 -12.82 13.54
N ALA B 20 -14.11 -12.29 14.77
CA ALA B 20 -14.68 -10.96 15.03
C ALA B 20 -13.82 -9.83 14.46
N LYS B 21 -12.51 -10.03 14.44
CA LYS B 21 -11.60 -9.05 13.82
C LYS B 21 -11.75 -9.03 12.30
N ALA B 22 -11.90 -10.19 11.68
CA ALA B 22 -12.13 -10.28 10.23
C ALA B 22 -13.44 -9.58 9.79
N ALA B 23 -14.53 -9.87 10.49
CA ALA B 23 -15.86 -9.34 10.14
C ALA B 23 -16.02 -7.84 10.40
N ALA B 24 -15.18 -7.29 11.28
CA ALA B 24 -15.14 -5.86 11.54
C ALA B 24 -14.56 -5.06 10.36
N GLU B 25 -13.73 -5.70 9.53
CA GLU B 25 -13.20 -5.04 8.33
C GLU B 25 -14.25 -5.05 7.20
N PRO B 26 -14.20 -4.05 6.30
CA PRO B 26 -15.14 -3.97 5.16
C PRO B 26 -15.03 -5.17 4.23
N GLY B 27 -16.13 -5.90 4.10
CA GLY B 27 -16.17 -7.13 3.31
C GLY B 27 -15.59 -8.36 4.00
N GLY B 28 -15.09 -8.18 5.22
CA GLY B 28 -14.42 -9.26 5.96
C GLY B 28 -15.28 -10.46 6.29
N SER B 29 -16.59 -10.25 6.36
CA SER B 29 -17.55 -11.31 6.65
C SER B 29 -17.43 -12.46 5.65
N ALA B 30 -17.00 -12.17 4.43
CA ALA B 30 -16.83 -13.18 3.38
C ALA B 30 -15.84 -14.30 3.74
N VAL B 31 -14.89 -14.03 4.64
CA VAL B 31 -13.91 -15.04 5.08
C VAL B 31 -13.95 -15.25 6.61
N ALA B 32 -14.80 -14.50 7.30
CA ALA B 32 -14.82 -14.50 8.78
C ALA B 32 -15.19 -15.86 9.38
N ASN B 33 -15.76 -16.73 8.57
CA ASN B 33 -16.06 -18.07 9.03
C ASN B 33 -15.16 -19.17 8.50
N GLU B 34 -13.99 -18.78 8.00
CA GLU B 34 -12.96 -19.76 7.65
C GLU B 34 -12.26 -20.21 8.93
N SER B 35 -11.73 -21.42 8.90
CA SER B 35 -10.96 -21.97 10.02
C SER B 35 -9.52 -21.48 10.01
N THR B 36 -9.05 -21.03 11.17
CA THR B 36 -7.68 -20.58 11.34
C THR B 36 -7.10 -21.22 12.60
N ALA B 37 -5.79 -21.46 12.57
CA ALA B 37 -5.07 -22.01 13.71
C ALA B 37 -4.99 -21.04 14.89
N VAL B 38 -5.02 -21.61 16.08
CA VAL B 38 -4.86 -20.89 17.33
C VAL B 38 -3.38 -20.97 17.71
N TRP B 39 -2.77 -19.83 18.01
CA TRP B 39 -1.34 -19.80 18.32
C TRP B 39 -1.12 -19.62 19.80
N LEU B 40 -0.33 -20.49 20.38
CA LEU B 40 0.08 -20.32 21.78
C LEU B 40 1.46 -19.68 21.80
N ASP B 41 1.49 -18.36 21.65
CA ASP B 41 2.74 -17.63 21.37
C ASP B 41 3.47 -17.18 22.64
N ARG B 42 2.88 -17.49 23.80
CA ARG B 42 3.40 -17.11 25.12
C ARG B 42 2.78 -18.06 26.14
N ILE B 43 3.48 -18.30 27.24
CA ILE B 43 2.91 -19.04 28.37
C ILE B 43 1.55 -18.45 28.75
N GLY B 44 1.46 -17.12 28.75
CA GLY B 44 0.23 -16.40 29.11
C GLY B 44 -0.96 -16.74 28.24
N ALA B 45 -0.68 -17.22 27.03
CA ALA B 45 -1.74 -17.63 26.10
C ALA B 45 -2.39 -18.95 26.50
N ILE B 46 -1.78 -19.66 27.45
CA ILE B 46 -2.28 -20.96 27.86
C ILE B 46 -3.55 -20.83 28.72
N GLU B 47 -3.49 -19.97 29.74
CA GLU B 47 -4.67 -19.68 30.56
C GLU B 47 -5.49 -18.52 29.97
N GLY B 48 -4.89 -17.75 29.08
CA GLY B 48 -5.54 -16.55 28.54
C GLY B 48 -4.97 -15.32 29.21
N ASN B 49 -4.58 -14.33 28.41
CA ASN B 49 -3.90 -13.14 28.92
C ASN B 49 -4.44 -11.79 28.41
N ASP B 50 -5.68 -11.80 27.89
CA ASP B 50 -6.31 -10.61 27.31
C ASP B 50 -5.33 -9.81 26.44
N SER B 51 -4.71 -10.47 25.47
CA SER B 51 -3.60 -9.88 24.73
C SER B 51 -3.95 -9.42 23.30
N PRO B 52 -3.11 -8.58 22.69
CA PRO B 52 -3.33 -8.17 21.30
C PRO B 52 -3.19 -9.32 20.29
N THR B 53 -2.41 -10.35 20.62
CA THR B 53 -2.20 -11.49 19.71
C THR B 53 -3.16 -12.65 19.93
N THR B 54 -3.63 -12.85 21.16
CA THR B 54 -4.48 -14.01 21.45
C THR B 54 -5.85 -13.71 22.11
N GLY B 55 -6.04 -12.48 22.61
CA GLY B 55 -7.33 -12.08 23.18
C GLY B 55 -7.63 -12.73 24.53
N SER B 56 -8.92 -12.89 24.84
CA SER B 56 -9.34 -13.34 26.17
C SER B 56 -9.39 -14.86 26.31
N MET B 57 -9.30 -15.58 25.20
CA MET B 57 -9.40 -17.02 25.22
C MET B 57 -8.06 -17.72 25.44
N GLY B 58 -8.00 -18.56 26.47
CA GLY B 58 -6.87 -19.48 26.66
C GLY B 58 -7.13 -20.80 25.93
N LEU B 59 -6.24 -21.77 26.13
CA LEU B 59 -6.35 -23.04 25.40
C LEU B 59 -7.61 -23.83 25.74
N ARG B 60 -7.90 -23.99 27.03
CA ARG B 60 -9.14 -24.63 27.45
C ARG B 60 -10.33 -23.93 26.81
N ASP B 61 -10.37 -22.60 26.88
CA ASP B 61 -11.44 -21.82 26.24
C ASP B 61 -11.68 -22.27 24.80
N HIS B 62 -10.60 -22.36 24.02
CA HIS B 62 -10.68 -22.76 22.63
C HIS B 62 -11.13 -24.17 22.43
N LEU B 63 -10.65 -25.08 23.27
CA LEU B 63 -11.04 -26.48 23.18
C LEU B 63 -12.49 -26.72 23.59
N GLU B 64 -12.97 -25.99 24.60
CA GLU B 64 -14.38 -26.04 25.01
C GLU B 64 -15.28 -25.49 23.90
N GLU B 65 -14.87 -24.36 23.32
CA GLU B 65 -15.53 -23.80 22.14
C GLU B 65 -15.56 -24.81 20.97
N ALA B 66 -14.44 -25.49 20.74
CA ALA B 66 -14.32 -26.46 19.64
C ALA B 66 -15.30 -27.63 19.79
N VAL B 67 -15.39 -28.16 21.01
CA VAL B 67 -16.32 -29.24 21.32
C VAL B 67 -17.76 -28.79 21.09
N ARG B 68 -18.07 -27.58 21.54
CA ARG B 68 -19.39 -26.98 21.27
C ARG B 68 -19.69 -26.86 19.78
N GLN B 69 -18.74 -26.31 19.01
CA GLN B 69 -18.92 -26.15 17.56
C GLN B 69 -19.11 -27.48 16.87
N SER B 70 -18.49 -28.52 17.41
CA SER B 70 -18.50 -29.85 16.81
C SER B 70 -19.87 -30.50 16.77
N GLY B 71 -20.74 -30.15 17.71
CA GLY B 71 -22.07 -30.75 17.79
C GLY B 71 -22.00 -32.26 17.93
N GLY B 72 -20.95 -32.74 18.60
CA GLY B 72 -20.73 -34.18 18.77
C GLY B 72 -20.10 -34.88 17.58
N ASP B 73 -19.98 -34.19 16.45
CA ASP B 73 -19.35 -34.73 15.25
C ASP B 73 -17.85 -34.47 15.25
N PRO B 74 -17.08 -35.24 14.44
CA PRO B 74 -15.66 -34.93 14.25
C PRO B 74 -15.41 -33.48 13.89
N LEU B 75 -14.56 -32.82 14.68
CA LEU B 75 -14.13 -31.47 14.41
C LEU B 75 -12.65 -31.36 14.71
N THR B 76 -11.95 -30.61 13.86
CA THR B 76 -10.52 -30.48 13.92
C THR B 76 -10.10 -29.05 14.22
N ILE B 77 -9.32 -28.89 15.30
CA ILE B 77 -8.73 -27.63 15.70
C ILE B 77 -7.21 -27.67 15.55
N GLN B 78 -6.66 -26.58 15.07
CA GLN B 78 -5.23 -26.42 14.89
C GLN B 78 -4.65 -25.50 15.94
N VAL B 79 -3.70 -26.01 16.68
CA VAL B 79 -3.07 -25.29 17.76
C VAL B 79 -1.59 -25.23 17.44
N VAL B 80 -1.02 -24.03 17.50
CA VAL B 80 0.37 -23.79 17.13
C VAL B 80 1.23 -23.73 18.37
N ILE B 81 2.18 -24.65 18.47
CA ILE B 81 3.12 -24.69 19.58
C ILE B 81 4.29 -23.82 19.17
N TYR B 82 4.40 -22.65 19.79
CA TYR B 82 5.33 -21.64 19.32
C TYR B 82 5.95 -20.82 20.45
N ASN B 83 6.87 -21.43 21.18
CA ASN B 83 7.50 -20.75 22.33
C ASN B 83 8.86 -21.26 22.76
N LEU B 84 9.62 -21.85 21.82
CA LEU B 84 10.95 -22.36 22.12
C LEU B 84 11.85 -21.31 22.77
N PRO B 85 12.81 -21.75 23.61
CA PRO B 85 13.84 -20.85 24.13
C PRO B 85 14.67 -20.35 22.96
N GLY B 86 14.97 -19.05 22.94
CA GLY B 86 15.69 -18.46 21.82
C GLY B 86 14.92 -18.62 20.51
N ARG B 87 13.60 -18.46 20.59
CA ARG B 87 12.71 -18.48 19.43
C ARG B 87 13.15 -17.50 18.34
N ASP B 88 12.95 -17.86 17.08
CA ASP B 88 13.19 -16.95 15.95
C ASP B 88 14.65 -16.44 15.97
N CYS B 89 15.59 -17.37 16.07
CA CYS B 89 16.99 -17.04 16.33
C CYS B 89 17.70 -16.25 15.22
N ALA B 90 17.23 -16.39 13.98
CA ALA B 90 17.80 -15.67 12.84
C ALA B 90 17.17 -14.28 12.59
N ALA B 91 16.19 -13.91 13.40
CA ALA B 91 15.46 -12.66 13.22
C ALA B 91 15.08 -11.99 14.55
N LEU B 92 14.37 -10.88 14.46
CA LEU B 92 14.04 -10.08 15.63
C LEU B 92 12.53 -9.99 15.89
N ALA B 93 11.73 -9.95 14.82
CA ALA B 93 10.30 -9.64 14.90
C ALA B 93 9.49 -10.55 15.82
N SER B 94 9.86 -11.83 15.92
CA SER B 94 9.15 -12.78 16.78
C SER B 94 10.02 -13.54 17.78
N ASN B 95 11.00 -12.86 18.36
CA ASN B 95 11.69 -13.38 19.54
C ASN B 95 10.65 -13.42 20.67
N GLY B 96 10.83 -14.32 21.62
CA GLY B 96 9.82 -14.52 22.67
C GLY B 96 10.32 -14.32 24.08
N GLU B 97 9.49 -14.71 25.04
CA GLU B 97 9.79 -14.57 26.46
C GLU B 97 10.92 -15.50 26.94
N LEU B 98 11.08 -16.65 26.30
CA LEU B 98 12.07 -17.62 26.76
C LEU B 98 13.41 -17.46 26.07
N GLY B 99 14.41 -17.05 26.85
CA GLY B 99 15.76 -16.89 26.34
C GLY B 99 16.42 -18.22 26.01
N PRO B 100 17.58 -18.18 25.35
CA PRO B 100 18.31 -19.36 24.84
C PRO B 100 18.68 -20.44 25.88
N ASP B 101 18.79 -20.07 27.15
CA ASP B 101 19.17 -21.00 28.21
C ASP B 101 17.96 -21.50 29.02
N GLU B 102 16.76 -21.31 28.50
CA GLU B 102 15.55 -21.57 29.29
C GLU B 102 14.71 -22.77 28.81
N LEU B 103 15.40 -23.82 28.36
CA LEU B 103 14.71 -25.07 27.97
C LEU B 103 13.85 -25.61 29.11
N ASP B 104 14.43 -25.63 30.33
CA ASP B 104 13.75 -26.18 31.51
C ASP B 104 12.37 -25.55 31.71
N ARG B 105 12.31 -24.23 31.54
CA ARG B 105 11.06 -23.49 31.67
C ARG B 105 10.10 -23.82 30.52
N TYR B 106 10.63 -23.93 29.30
CA TYR B 106 9.83 -24.36 28.15
C TYR B 106 9.10 -25.67 28.46
N LYS B 107 9.83 -26.63 29.02
CA LYS B 107 9.26 -27.94 29.36
C LYS B 107 8.19 -27.89 30.46
N SER B 108 8.53 -27.32 31.61
CA SER B 108 7.68 -27.42 32.78
C SER B 108 6.59 -26.34 32.85
N GLU B 109 6.81 -25.22 32.17
CA GLU B 109 5.93 -24.07 32.27
C GLU B 109 5.18 -23.76 30.97
N TYR B 110 5.65 -24.33 29.87
CA TYR B 110 4.95 -24.17 28.60
C TYR B 110 4.36 -25.49 28.09
N ILE B 111 5.19 -26.45 27.70
CA ILE B 111 4.69 -27.75 27.20
C ILE B 111 3.85 -28.52 28.23
N ASP B 112 4.35 -28.62 29.47
CA ASP B 112 3.66 -29.41 30.52
C ASP B 112 2.21 -28.95 30.81
N PRO B 113 1.98 -27.64 31.02
CA PRO B 113 0.60 -27.18 31.19
C PRO B 113 -0.29 -27.32 29.94
N ILE B 114 0.32 -27.26 28.75
CA ILE B 114 -0.42 -27.45 27.51
C ILE B 114 -0.90 -28.90 27.40
N ALA B 115 -0.01 -29.83 27.74
CA ALA B 115 -0.33 -31.26 27.74
C ALA B 115 -1.39 -31.62 28.78
N ASP B 116 -1.31 -31.01 29.95
CA ASP B 116 -2.31 -31.24 31.01
C ASP B 116 -3.69 -30.88 30.50
N ILE B 117 -3.80 -29.74 29.81
CA ILE B 117 -5.08 -29.29 29.28
C ILE B 117 -5.60 -30.21 28.18
N MET B 118 -4.73 -30.60 27.24
CA MET B 118 -5.14 -31.48 26.14
C MET B 118 -5.54 -32.90 26.60
N TRP B 119 -4.93 -33.37 27.69
CA TRP B 119 -5.35 -34.62 28.34
C TRP B 119 -6.77 -34.57 28.84
N ASP B 120 -7.19 -33.40 29.31
CA ASP B 120 -8.56 -33.18 29.79
C ASP B 120 -9.60 -33.31 28.68
N PHE B 121 -9.16 -33.33 27.43
CA PHE B 121 -10.07 -33.43 26.29
C PHE B 121 -9.94 -34.74 25.52
N ALA B 122 -9.09 -35.63 26.03
CA ALA B 122 -8.86 -36.94 25.45
C ALA B 122 -10.13 -37.80 25.47
N ASP B 123 -10.99 -37.59 26.47
CA ASP B 123 -12.27 -38.31 26.55
C ASP B 123 -13.36 -37.70 25.67
N TYR B 124 -13.01 -36.68 24.89
CA TYR B 124 -13.87 -36.19 23.82
C TYR B 124 -13.50 -36.95 22.57
N GLU B 125 -14.27 -38.01 22.32
CA GLU B 125 -13.99 -39.00 21.28
C GLU B 125 -13.86 -38.41 19.86
N ASN B 126 -14.58 -37.33 19.57
CA ASN B 126 -14.63 -36.79 18.20
C ASN B 126 -13.84 -35.49 17.99
N LEU B 127 -13.20 -35.04 19.05
CA LEU B 127 -12.35 -33.86 18.98
C LEU B 127 -10.97 -34.27 18.48
N ARG B 128 -10.51 -33.61 17.41
CA ARG B 128 -9.15 -33.81 16.88
C ARG B 128 -8.33 -32.55 17.02
N ILE B 129 -7.23 -32.62 17.77
CA ILE B 129 -6.30 -31.49 17.88
C ILE B 129 -5.08 -31.69 16.95
N VAL B 130 -4.90 -30.76 16.02
CA VAL B 130 -3.72 -30.76 15.16
C VAL B 130 -2.70 -29.82 15.79
N ALA B 131 -1.61 -30.39 16.28
CA ALA B 131 -0.58 -29.59 16.92
C ALA B 131 0.52 -29.31 15.89
N ILE B 132 0.73 -28.03 15.62
CA ILE B 132 1.73 -27.60 14.65
C ILE B 132 2.96 -27.18 15.46
N ILE B 133 4.04 -27.95 15.30
CA ILE B 133 5.15 -27.89 16.23
C ILE B 133 6.25 -26.90 15.82
N GLU B 134 6.37 -25.86 16.64
CA GLU B 134 7.48 -24.88 16.60
C GLU B 134 7.91 -24.41 15.22
N ILE B 135 7.13 -23.46 14.69
CA ILE B 135 7.44 -22.95 13.37
CA ILE B 135 7.37 -22.81 13.40
C ILE B 135 8.71 -22.09 13.41
N ASP B 136 9.40 -22.07 12.28
CA ASP B 136 10.60 -21.27 12.10
C ASP B 136 11.70 -21.58 13.13
N SER B 137 11.99 -22.86 13.30
CA SER B 137 12.94 -23.29 14.31
C SER B 137 14.05 -24.12 13.70
N LEU B 138 13.80 -25.41 13.55
CA LEU B 138 14.84 -26.35 13.10
C LEU B 138 15.62 -25.95 11.82
N PRO B 139 14.92 -25.47 10.76
CA PRO B 139 15.64 -25.02 9.55
C PRO B 139 16.70 -23.94 9.79
N ASN B 140 16.55 -23.16 10.85
CA ASN B 140 17.55 -22.15 11.22
C ASN B 140 18.90 -22.77 11.56
N LEU B 141 18.85 -23.92 12.21
CA LEU B 141 20.09 -24.62 12.60
C LEU B 141 20.86 -25.15 11.38
N VAL B 142 20.21 -25.16 10.21
CA VAL B 142 20.83 -25.55 8.94
C VAL B 142 21.37 -24.34 8.17
N THR B 143 20.58 -23.27 8.05
CA THR B 143 20.89 -22.18 7.14
C THR B 143 21.50 -20.95 7.81
N ASN B 144 21.45 -20.88 9.15
CA ASN B 144 21.84 -19.66 9.86
C ASN B 144 22.90 -19.86 10.98
N VAL B 145 23.75 -20.87 10.78
CA VAL B 145 24.91 -21.08 11.66
C VAL B 145 26.19 -20.58 10.97
N GLY B 146 26.23 -20.68 9.64
CA GLY B 146 27.24 -20.00 8.80
C GLY B 146 28.62 -20.62 8.71
N GLY B 147 29.45 -20.20 7.74
CA GLY B 147 29.09 -19.23 6.69
C GLY B 147 28.93 -17.78 7.11
N ASN B 148 28.37 -16.97 6.20
CA ASN B 148 27.97 -15.59 6.50
C ASN B 148 26.45 -15.49 6.53
N GLY B 149 25.93 -14.46 7.20
CA GLY B 149 24.49 -14.24 7.29
C GLY B 149 23.85 -14.86 8.52
N GLY B 150 24.53 -15.84 9.10
CA GLY B 150 24.03 -16.52 10.31
C GLY B 150 24.07 -15.66 11.54
N THR B 151 23.52 -16.16 12.65
CA THR B 151 23.57 -15.44 13.91
C THR B 151 24.19 -16.30 15.00
N GLU B 152 24.79 -15.65 16.00
CA GLU B 152 25.34 -16.35 17.16
C GLU B 152 24.25 -17.09 17.94
N LEU B 153 23.06 -16.49 18.01
CA LEU B 153 21.94 -17.10 18.72
C LEU B 153 21.58 -18.46 18.12
N CYS B 154 21.49 -18.51 16.79
CA CYS B 154 21.18 -19.76 16.10
C CYS B 154 22.25 -20.82 16.28
N ALA B 155 23.52 -20.40 16.30
CA ALA B 155 24.62 -21.33 16.50
C ALA B 155 24.57 -21.88 17.93
N TYR B 156 24.25 -21.01 18.88
CA TYR B 156 24.08 -21.40 20.28
C TYR B 156 22.93 -22.40 20.48
N MET B 157 21.82 -22.18 19.78
CA MET B 157 20.68 -23.09 19.87
C MET B 157 20.99 -24.46 19.27
N LYS B 158 21.89 -24.49 18.29
CA LYS B 158 22.39 -25.75 17.75
C LYS B 158 23.28 -26.45 18.78
N GLN B 159 24.30 -25.75 19.27
CA GLN B 159 25.26 -26.30 20.23
C GLN B 159 24.61 -26.75 21.55
N ASN B 160 23.63 -26.01 22.06
CA ASN B 160 22.99 -26.40 23.33
C ASN B 160 21.86 -27.44 23.23
N GLY B 161 21.42 -27.74 22.01
CA GLY B 161 20.36 -28.72 21.78
C GLY B 161 18.95 -28.23 22.10
N GLY B 162 18.80 -26.93 22.34
CA GLY B 162 17.52 -26.36 22.78
C GLY B 162 16.36 -26.55 21.82
N TYR B 163 16.61 -26.27 20.54
CA TYR B 163 15.60 -26.48 19.49
C TYR B 163 15.27 -27.95 19.30
N VAL B 164 16.30 -28.78 19.20
CA VAL B 164 16.14 -30.21 18.92
C VAL B 164 15.45 -30.95 20.08
N ASN B 165 15.91 -30.68 21.31
CA ASN B 165 15.33 -31.28 22.51
C ASN B 165 13.95 -30.74 22.86
N GLY B 166 13.74 -29.46 22.61
CA GLY B 166 12.44 -28.81 22.84
C GLY B 166 11.36 -29.35 21.92
N VAL B 167 11.71 -29.52 20.65
CA VAL B 167 10.77 -30.09 19.67
C VAL B 167 10.45 -31.55 20.02
N GLY B 168 11.48 -32.34 20.32
CA GLY B 168 11.31 -33.74 20.71
C GLY B 168 10.41 -33.91 21.92
N TYR B 169 10.60 -33.03 22.90
CA TYR B 169 9.82 -33.08 24.14
C TYR B 169 8.36 -32.74 23.87
N ALA B 170 8.12 -31.79 22.96
CA ALA B 170 6.76 -31.44 22.56
C ALA B 170 6.11 -32.56 21.74
N LEU B 171 6.89 -33.22 20.89
CA LEU B 171 6.37 -34.36 20.09
C LEU B 171 5.88 -35.49 20.98
N ARG B 172 6.67 -35.83 22.00
CA ARG B 172 6.34 -36.93 22.90
C ARG B 172 5.18 -36.57 23.82
N LYS B 173 5.24 -35.38 24.41
CA LYS B 173 4.26 -34.92 25.39
C LYS B 173 2.86 -34.75 24.82
N LEU B 174 2.80 -34.29 23.58
CA LEU B 174 1.51 -34.07 22.92
C LEU B 174 1.11 -35.27 22.09
N GLY B 175 2.11 -35.94 21.52
CA GLY B 175 1.89 -37.10 20.66
C GLY B 175 1.33 -38.31 21.37
N GLU B 176 1.57 -38.40 22.68
CA GLU B 176 1.06 -39.53 23.46
C GLU B 176 -0.40 -39.34 23.91
N ILE B 177 -0.95 -38.14 23.66
CA ILE B 177 -2.37 -37.86 23.88
C ILE B 177 -3.16 -38.44 22.68
N PRO B 178 -4.20 -39.26 22.95
CA PRO B 178 -4.84 -40.09 21.91
C PRO B 178 -5.40 -39.35 20.72
N ASN B 179 -5.80 -38.10 20.89
CA ASN B 179 -6.40 -37.35 19.80
C ASN B 179 -5.57 -36.14 19.36
N VAL B 180 -4.28 -36.13 19.68
CA VAL B 180 -3.43 -35.10 19.13
C VAL B 180 -2.66 -35.59 17.90
N TYR B 181 -2.63 -34.73 16.88
CA TYR B 181 -1.97 -35.04 15.61
C TYR B 181 -0.84 -34.03 15.39
N ASN B 182 0.40 -34.50 15.52
CA ASN B 182 1.58 -33.64 15.41
C ASN B 182 2.07 -33.43 13.98
N TYR B 183 2.29 -32.17 13.61
CA TYR B 183 2.90 -31.81 12.33
C TYR B 183 4.10 -30.92 12.62
N ILE B 184 5.27 -31.34 12.13
CA ILE B 184 6.52 -30.60 12.29
C ILE B 184 6.63 -29.52 11.24
N ASP B 185 7.08 -28.32 11.61
CA ASP B 185 7.23 -27.25 10.64
C ASP B 185 8.42 -27.52 9.73
N ALA B 186 8.21 -27.37 8.43
CA ALA B 186 9.21 -27.73 7.43
C ALA B 186 9.62 -26.55 6.53
N ALA B 187 9.59 -25.34 7.09
CA ALA B 187 9.94 -24.11 6.36
C ALA B 187 9.12 -23.97 5.06
N HIS B 188 9.77 -23.56 3.97
CA HIS B 188 9.17 -23.53 2.64
C HIS B 188 10.25 -23.64 1.60
N HIS B 189 9.86 -23.74 0.33
CA HIS B 189 10.80 -24.01 -0.78
C HIS B 189 11.78 -22.88 -0.99
N GLY B 190 11.33 -21.65 -0.78
CA GLY B 190 12.20 -20.50 -0.84
C GLY B 190 13.17 -20.40 0.31
N TRP B 191 13.11 -21.34 1.25
CA TRP B 191 14.06 -21.41 2.37
C TRP B 191 15.02 -22.57 2.23
N ILE B 192 14.47 -23.77 2.08
CA ILE B 192 15.28 -24.99 2.14
C ILE B 192 15.19 -25.87 0.88
N GLY B 193 14.78 -25.26 -0.23
CA GLY B 193 14.69 -25.96 -1.51
C GLY B 193 16.03 -26.33 -2.13
N TRP B 194 17.08 -25.59 -1.78
CA TRP B 194 18.42 -25.81 -2.33
C TRP B 194 19.03 -27.11 -1.90
N ASP B 195 19.97 -27.60 -2.72
CA ASP B 195 20.70 -28.83 -2.41
C ASP B 195 21.45 -28.72 -1.09
N SER B 196 22.02 -27.54 -0.83
CA SER B 196 22.79 -27.33 0.39
C SER B 196 21.97 -27.36 1.67
N ASN B 197 20.64 -27.20 1.59
CA ASN B 197 19.83 -27.25 2.82
C ASN B 197 18.70 -28.28 2.88
N PHE B 198 18.27 -28.79 1.73
CA PHE B 198 17.18 -29.78 1.65
C PHE B 198 17.49 -31.00 2.52
N GLY B 199 18.52 -31.75 2.14
CA GLY B 199 18.98 -32.91 2.90
C GLY B 199 19.31 -32.63 4.36
N PRO B 200 20.11 -31.59 4.64
CA PRO B 200 20.37 -31.29 6.04
C PRO B 200 19.13 -30.90 6.87
N SER B 201 18.04 -30.52 6.22
CA SER B 201 16.80 -30.20 6.94
C SER B 201 16.08 -31.47 7.30
N VAL B 202 16.02 -32.39 6.34
CA VAL B 202 15.54 -33.75 6.57
C VAL B 202 16.28 -34.37 7.77
N ASP B 203 17.60 -34.22 7.79
CA ASP B 203 18.40 -34.80 8.88
C ASP B 203 18.03 -34.23 10.25
N ILE B 204 17.92 -32.91 10.34
CA ILE B 204 17.59 -32.27 11.61
C ILE B 204 16.15 -32.58 12.07
N PHE B 205 15.22 -32.72 11.13
CA PHE B 205 13.85 -33.11 11.45
C PHE B 205 13.84 -34.50 12.09
N TYR B 206 14.66 -35.39 11.53
CA TYR B 206 14.76 -36.76 12.03
C TYR B 206 15.45 -36.78 13.40
N GLU B 207 16.50 -35.99 13.55
CA GLU B 207 17.18 -35.86 14.83
C GLU B 207 16.22 -35.35 15.92
N ALA B 208 15.41 -34.34 15.58
CA ALA B 208 14.45 -33.79 16.53
C ALA B 208 13.33 -34.76 16.86
N ALA B 209 12.91 -35.55 15.86
CA ALA B 209 11.87 -36.54 16.09
C ALA B 209 12.34 -37.71 16.96
N ASN B 210 13.65 -37.83 17.16
CA ASN B 210 14.24 -38.84 18.02
C ASN B 210 14.84 -38.32 19.33
N ALA B 211 14.61 -37.05 19.65
CA ALA B 211 15.14 -36.44 20.86
C ALA B 211 14.14 -36.48 22.02
N SER B 212 14.64 -36.33 23.24
CA SER B 212 13.83 -36.21 24.46
C SER B 212 12.76 -37.29 24.59
N GLY B 213 13.09 -38.51 24.17
CA GLY B 213 12.18 -39.66 24.27
C GLY B 213 11.26 -39.86 23.07
N SER B 214 11.35 -38.97 22.09
CA SER B 214 10.51 -39.07 20.90
C SER B 214 10.98 -40.15 19.92
N THR B 215 10.07 -40.61 19.07
CA THR B 215 10.41 -41.44 17.91
C THR B 215 9.60 -40.87 16.75
N VAL B 216 9.84 -41.37 15.54
CA VAL B 216 9.06 -40.96 14.38
C VAL B 216 7.55 -41.23 14.49
N ASP B 217 7.16 -42.18 15.35
CA ASP B 217 5.75 -42.52 15.48
C ASP B 217 4.88 -41.44 16.17
N TYR B 218 5.53 -40.39 16.69
CA TYR B 218 4.81 -39.24 17.21
C TYR B 218 4.57 -38.16 16.14
N VAL B 219 5.06 -38.41 14.94
CA VAL B 219 4.97 -37.40 13.88
C VAL B 219 3.96 -37.85 12.82
N HIS B 220 2.85 -37.12 12.74
CA HIS B 220 1.80 -37.45 11.80
C HIS B 220 2.09 -36.87 10.45
N GLY B 221 2.87 -35.80 10.41
CA GLY B 221 3.20 -35.17 9.14
C GLY B 221 3.98 -33.87 9.28
N PHE B 222 3.95 -33.09 8.22
CA PHE B 222 4.75 -31.88 8.12
C PHE B 222 3.95 -30.74 7.50
N ILE B 223 4.28 -29.52 7.86
CA ILE B 223 3.65 -28.35 7.26
C ILE B 223 4.71 -27.42 6.66
N SER B 224 4.48 -26.99 5.44
CA SER B 224 5.31 -25.97 4.79
C SER B 224 4.54 -24.66 4.63
N ASN B 225 5.29 -23.60 4.31
CA ASN B 225 4.73 -22.29 3.98
C ASN B 225 3.99 -21.62 5.14
N THR B 226 4.27 -22.02 6.38
CA THR B 226 3.61 -21.43 7.54
C THR B 226 3.99 -19.95 7.69
N ALA B 227 2.97 -19.10 7.75
CA ALA B 227 3.13 -17.65 7.85
C ALA B 227 3.95 -17.07 6.69
N ASN B 228 4.00 -17.79 5.57
CA ASN B 228 4.78 -17.35 4.41
C ASN B 228 3.88 -17.20 3.18
N TYR B 229 4.48 -17.05 2.00
CA TYR B 229 3.79 -16.45 0.85
C TYR B 229 4.05 -17.20 -0.44
N SER B 230 4.80 -18.30 -0.36
CA SER B 230 5.22 -19.05 -1.54
C SER B 230 4.07 -19.75 -2.24
N ALA B 231 4.09 -19.72 -3.57
CA ALA B 231 3.04 -20.29 -4.41
C ALA B 231 2.88 -21.78 -4.19
N THR B 232 1.64 -22.25 -4.09
CA THR B 232 1.37 -23.69 -4.05
C THR B 232 1.86 -24.30 -5.34
N VAL B 233 1.37 -23.76 -6.46
CA VAL B 233 1.78 -24.17 -7.79
C VAL B 233 2.11 -22.93 -8.60
N GLU B 234 3.26 -22.95 -9.27
CA GLU B 234 3.56 -21.95 -10.30
C GLU B 234 3.16 -22.52 -11.65
N PRO B 235 1.96 -22.15 -12.15
CA PRO B 235 1.37 -22.81 -13.32
C PRO B 235 2.08 -22.51 -14.64
N TYR B 236 2.95 -21.51 -14.68
CA TYR B 236 3.61 -21.13 -15.93
C TYR B 236 5.13 -21.19 -15.80
N LEU B 237 5.59 -21.68 -14.64
CA LEU B 237 7.01 -21.87 -14.36
C LEU B 237 7.35 -23.34 -14.20
N ASP B 238 8.42 -23.76 -14.86
CA ASP B 238 8.98 -25.10 -14.72
C ASP B 238 10.42 -24.91 -14.30
N VAL B 239 10.72 -25.33 -13.08
CA VAL B 239 11.99 -25.07 -12.43
C VAL B 239 13.18 -25.67 -13.18
N ASN B 240 12.92 -26.68 -14.00
CA ASN B 240 13.96 -27.34 -14.77
C ASN B 240 14.01 -26.92 -16.25
N GLY B 241 13.05 -26.08 -16.64
CA GLY B 241 12.95 -25.58 -18.02
C GLY B 241 13.99 -24.53 -18.40
N THR B 242 13.85 -23.99 -19.61
CA THR B 242 14.83 -23.04 -20.17
C THR B 242 14.17 -21.85 -20.86
N VAL B 243 14.94 -20.76 -21.03
CA VAL B 243 14.54 -19.55 -21.74
C VAL B 243 15.80 -18.75 -22.14
N ASN B 244 16.18 -18.73 -23.42
CA ASN B 244 15.90 -19.75 -24.40
C ASN B 244 17.20 -20.54 -24.58
N GLY B 245 18.31 -19.84 -24.31
CA GLY B 245 19.63 -20.48 -24.13
C GLY B 245 20.12 -20.35 -22.70
N GLN B 246 19.19 -20.33 -21.75
CA GLN B 246 19.49 -20.15 -20.34
C GLN B 246 18.55 -20.96 -19.46
N LEU B 247 19.06 -21.45 -18.32
CA LEU B 247 18.24 -22.18 -17.36
C LEU B 247 17.32 -21.27 -16.54
N ILE B 248 16.10 -21.74 -16.28
CA ILE B 248 15.19 -21.06 -15.36
C ILE B 248 15.88 -20.85 -14.01
N ARG B 249 16.67 -21.84 -13.61
CA ARG B 249 17.41 -21.79 -12.34
C ARG B 249 18.47 -20.68 -12.30
N GLN B 250 18.84 -20.15 -13.46
CA GLN B 250 19.81 -19.05 -13.55
C GLN B 250 19.18 -17.71 -13.18
N SER B 251 17.84 -17.62 -13.26
CA SER B 251 17.12 -16.37 -13.00
C SER B 251 17.40 -15.85 -11.60
N LYS B 252 17.25 -14.54 -11.41
CA LYS B 252 17.41 -13.91 -10.09
C LYS B 252 16.38 -14.46 -9.10
N TRP B 253 15.21 -14.82 -9.59
CA TRP B 253 14.13 -15.36 -8.76
C TRP B 253 14.43 -16.74 -8.23
N VAL B 254 14.67 -17.68 -9.14
CA VAL B 254 14.95 -19.07 -8.76
C VAL B 254 16.30 -19.16 -8.04
N ASP B 255 17.33 -18.60 -8.67
CA ASP B 255 18.67 -18.54 -8.10
C ASP B 255 19.15 -19.91 -7.62
N TRP B 256 19.03 -20.91 -8.50
CA TRP B 256 19.59 -22.26 -8.25
C TRP B 256 18.85 -23.09 -7.24
N ASN B 257 17.67 -22.62 -6.83
CA ASN B 257 16.73 -23.43 -6.07
C ASN B 257 16.29 -24.63 -6.92
N GLN B 258 16.00 -25.74 -6.27
CA GLN B 258 15.42 -26.92 -6.92
C GLN B 258 13.90 -26.81 -7.10
N TYR B 259 13.29 -25.82 -6.46
CA TYR B 259 11.84 -25.67 -6.50
C TYR B 259 11.42 -24.23 -6.79
N VAL B 260 10.26 -24.08 -7.45
CA VAL B 260 9.62 -22.78 -7.64
C VAL B 260 8.28 -22.68 -6.92
N ASP B 261 7.76 -23.80 -6.42
CA ASP B 261 6.50 -23.79 -5.68
C ASP B 261 6.49 -24.75 -4.49
N GLU B 262 5.44 -24.68 -3.69
CA GLU B 262 5.34 -25.43 -2.44
C GLU B 262 4.97 -26.90 -2.62
N LEU B 263 4.16 -27.17 -3.64
CA LEU B 263 3.60 -28.49 -3.83
C LEU B 263 4.66 -29.50 -4.26
N SER B 264 5.38 -29.22 -5.34
CA SER B 264 6.44 -30.12 -5.81
C SER B 264 7.50 -30.27 -4.72
N PHE B 265 7.71 -29.19 -3.96
CA PHE B 265 8.60 -29.20 -2.81
C PHE B 265 8.16 -30.15 -1.69
N VAL B 266 6.93 -30.01 -1.18
CA VAL B 266 6.44 -30.91 -0.11
C VAL B 266 6.38 -32.36 -0.53
N GLN B 267 6.03 -32.59 -1.80
CA GLN B 267 5.92 -33.94 -2.34
C GLN B 267 7.29 -34.63 -2.34
N ASP B 268 8.32 -33.91 -2.79
CA ASP B 268 9.69 -34.41 -2.73
C ASP B 268 10.17 -34.56 -1.29
N LEU B 269 9.86 -33.55 -0.45
CA LEU B 269 10.24 -33.60 0.95
C LEU B 269 9.64 -34.84 1.62
N ARG B 270 8.35 -35.10 1.35
CA ARG B 270 7.68 -36.28 1.88
C ARG B 270 8.45 -37.57 1.56
N GLN B 271 8.93 -37.71 0.33
CA GLN B 271 9.64 -38.93 -0.09
C GLN B 271 10.97 -39.08 0.62
N ALA B 272 11.70 -37.98 0.75
CA ALA B 272 12.98 -37.99 1.46
C ALA B 272 12.79 -38.24 2.96
N LEU B 273 11.70 -37.73 3.53
CA LEU B 273 11.41 -37.96 4.95
C LEU B 273 11.12 -39.43 5.25
N ILE B 274 10.35 -40.05 4.37
CA ILE B 274 10.06 -41.49 4.46
C ILE B 274 11.35 -42.30 4.29
N ALA B 275 12.13 -42.00 3.25
CA ALA B 275 13.39 -42.73 3.01
C ALA B 275 14.35 -42.58 4.19
N LYS B 276 14.28 -41.44 4.86
CA LYS B 276 15.06 -41.17 6.06
C LYS B 276 14.56 -42.00 7.27
N GLY B 277 13.28 -42.37 7.27
CA GLY B 277 12.76 -43.21 8.35
C GLY B 277 11.53 -42.71 9.09
N PHE B 278 10.88 -41.67 8.57
CA PHE B 278 9.55 -41.30 9.03
C PHE B 278 8.56 -42.28 8.44
N ARG B 279 7.41 -42.43 9.10
CA ARG B 279 6.39 -43.38 8.66
C ARG B 279 5.97 -43.08 7.23
N SER B 280 5.58 -44.13 6.52
CA SER B 280 5.11 -44.03 5.14
C SER B 280 3.72 -43.39 5.01
N ASP B 281 2.95 -43.36 6.10
CA ASP B 281 1.61 -42.76 6.04
C ASP B 281 1.54 -41.30 6.49
N ILE B 282 2.69 -40.63 6.58
CA ILE B 282 2.71 -39.20 6.88
C ILE B 282 2.03 -38.42 5.76
N GLY B 283 1.38 -37.31 6.09
CA GLY B 283 0.80 -36.40 5.11
C GLY B 283 1.36 -35.00 5.32
N MET B 284 1.44 -34.21 4.25
CA MET B 284 1.96 -32.84 4.32
C MET B 284 0.83 -31.80 4.41
N LEU B 285 1.11 -30.67 5.04
CA LEU B 285 0.19 -29.53 4.98
C LEU B 285 0.88 -28.39 4.28
N ILE B 286 0.12 -27.55 3.60
CA ILE B 286 0.64 -26.28 3.13
C ILE B 286 -0.28 -25.19 3.70
N ASP B 287 0.35 -24.19 4.34
CA ASP B 287 -0.35 -22.98 4.80
C ASP B 287 -0.64 -22.06 3.61
N THR B 288 -1.90 -21.96 3.24
CA THR B 288 -2.32 -21.21 2.05
C THR B 288 -3.06 -19.93 2.42
N SER B 289 -2.81 -19.44 3.63
CA SER B 289 -3.50 -18.27 4.16
C SER B 289 -3.26 -17.00 3.36
N ARG B 290 -2.07 -16.87 2.78
CA ARG B 290 -1.67 -15.60 2.16
C ARG B 290 -0.91 -15.79 0.84
N ASN B 291 -1.07 -16.96 0.22
CA ASN B 291 -0.31 -17.27 -1.00
C ASN B 291 -1.13 -17.29 -2.29
N GLY B 292 -2.31 -16.67 -2.27
CA GLY B 292 -3.17 -16.60 -3.44
C GLY B 292 -2.62 -15.82 -4.62
N TRP B 293 -2.01 -14.67 -4.35
CA TRP B 293 -1.47 -13.80 -5.39
C TRP B 293 -2.44 -13.48 -6.48
N GLY B 294 -3.69 -13.20 -6.08
CA GLY B 294 -4.75 -12.90 -7.05
C GLY B 294 -4.86 -11.43 -7.34
N GLY B 295 -5.96 -11.04 -7.97
CA GLY B 295 -6.20 -9.64 -8.32
C GLY B 295 -5.58 -9.32 -9.67
N PRO B 296 -5.79 -8.10 -10.16
CA PRO B 296 -5.46 -7.75 -11.56
C PRO B 296 -3.98 -7.86 -11.97
N ASN B 297 -3.07 -8.01 -11.00
CA ASN B 297 -1.64 -8.17 -11.31
C ASN B 297 -1.23 -9.62 -11.54
N ARG B 298 -2.16 -10.55 -11.30
CA ARG B 298 -1.88 -11.97 -11.50
C ARG B 298 -1.74 -12.29 -12.98
N PRO B 299 -0.61 -12.89 -13.37
CA PRO B 299 -0.41 -13.31 -14.76
C PRO B 299 -1.51 -14.28 -15.20
N THR B 300 -1.98 -14.13 -16.43
CA THR B 300 -3.04 -15.01 -16.92
C THR B 300 -2.50 -16.09 -17.84
N GLY B 301 -1.17 -16.13 -17.99
CA GLY B 301 -0.51 -17.11 -18.84
C GLY B 301 0.99 -16.88 -18.88
N PRO B 302 1.74 -17.77 -19.55
CA PRO B 302 3.19 -17.58 -19.61
C PRO B 302 3.56 -16.32 -20.38
N SER B 303 4.72 -15.75 -20.06
CA SER B 303 5.22 -14.61 -20.80
C SER B 303 5.62 -15.02 -22.22
N SER B 304 5.58 -14.04 -23.13
CA SER B 304 6.00 -14.26 -24.51
C SER B 304 7.47 -13.85 -24.67
N SER B 305 8.03 -13.28 -23.61
CA SER B 305 9.40 -12.78 -23.62
C SER B 305 10.45 -13.90 -23.70
N THR B 306 11.53 -13.65 -24.43
CA THR B 306 12.63 -14.61 -24.56
C THR B 306 13.86 -14.21 -23.73
N ASP B 307 13.78 -13.06 -23.06
CA ASP B 307 14.76 -12.72 -22.02
C ASP B 307 14.46 -13.53 -20.76
N LEU B 308 15.49 -14.13 -20.18
CA LEU B 308 15.34 -15.03 -19.04
C LEU B 308 14.57 -14.43 -17.88
N ASN B 309 15.09 -13.32 -17.35
CA ASN B 309 14.49 -12.67 -16.20
C ASN B 309 13.13 -12.02 -16.48
N THR B 310 12.90 -11.62 -17.74
CA THR B 310 11.60 -11.05 -18.09
C THR B 310 10.54 -12.14 -18.13
N TYR B 311 10.89 -13.29 -18.73
CA TYR B 311 9.97 -14.41 -18.78
C TYR B 311 9.52 -14.84 -17.38
N VAL B 312 10.49 -15.03 -16.49
CA VAL B 312 10.25 -15.53 -15.14
C VAL B 312 9.41 -14.53 -14.35
N ASP B 313 9.84 -13.27 -14.37
CA ASP B 313 9.19 -12.22 -13.60
C ASP B 313 7.77 -11.91 -14.07
N GLU B 314 7.53 -12.05 -15.37
CA GLU B 314 6.18 -11.85 -15.92
C GLU B 314 5.30 -13.09 -15.79
N SER B 315 5.91 -14.26 -15.60
CA SER B 315 5.16 -15.51 -15.54
C SER B 315 4.77 -15.96 -14.13
N ARG B 316 5.58 -15.60 -13.13
CA ARG B 316 5.39 -16.08 -11.76
C ARG B 316 4.19 -15.43 -11.06
N ILE B 317 3.44 -16.24 -10.31
CA ILE B 317 2.29 -15.70 -9.57
C ILE B 317 2.76 -15.07 -8.25
N ASP B 318 3.78 -15.66 -7.63
CA ASP B 318 4.45 -15.05 -6.48
C ASP B 318 5.23 -13.83 -6.97
N ARG B 319 4.74 -12.64 -6.62
CA ARG B 319 5.27 -11.37 -7.17
C ARG B 319 6.26 -10.66 -6.24
N ARG B 320 6.82 -11.38 -5.29
CA ARG B 320 7.79 -10.80 -4.37
C ARG B 320 9.09 -10.46 -5.10
N ILE B 321 9.84 -9.53 -4.53
CA ILE B 321 11.13 -9.16 -5.10
C ILE B 321 12.14 -10.32 -5.02
N HIS B 322 12.19 -10.97 -3.86
CA HIS B 322 13.08 -12.09 -3.60
C HIS B 322 12.32 -13.10 -2.77
N PRO B 323 12.66 -14.41 -2.89
CA PRO B 323 11.95 -15.43 -2.11
C PRO B 323 12.19 -15.34 -0.60
N GLY B 324 13.26 -14.65 -0.20
CA GLY B 324 13.58 -14.44 1.20
C GLY B 324 12.84 -13.28 1.85
N ASN B 325 11.95 -12.62 1.10
CA ASN B 325 11.15 -11.52 1.64
C ASN B 325 9.92 -12.03 2.38
N TRP B 326 9.99 -12.03 3.69
CA TRP B 326 9.03 -12.75 4.50
C TRP B 326 8.06 -11.90 5.26
N CYS B 327 8.30 -10.60 5.33
CA CYS B 327 7.47 -9.77 6.20
C CYS B 327 6.38 -8.96 5.51
N ASN B 328 5.15 -9.11 6.01
CA ASN B 328 3.97 -8.34 5.58
C ASN B 328 4.00 -7.95 4.11
N GLN B 329 4.09 -8.95 3.24
CA GLN B 329 4.44 -8.75 1.85
C GLN B 329 3.36 -8.00 1.06
N ALA B 330 3.75 -6.84 0.53
CA ALA B 330 2.87 -5.99 -0.27
C ALA B 330 2.38 -6.72 -1.53
N GLY B 331 1.09 -6.59 -1.82
CA GLY B 331 0.50 -7.21 -3.00
C GLY B 331 -0.10 -8.59 -2.81
N ALA B 332 0.22 -9.24 -1.69
CA ALA B 332 -0.28 -10.58 -1.40
C ALA B 332 -1.80 -10.64 -1.24
N GLY B 333 -2.36 -11.80 -1.56
CA GLY B 333 -3.77 -12.08 -1.37
C GLY B 333 -3.97 -13.38 -0.65
N LEU B 334 -5.18 -13.60 -0.14
CA LEU B 334 -5.61 -14.88 0.43
C LEU B 334 -5.50 -16.00 -0.60
N GLY B 335 -4.92 -17.12 -0.18
CA GLY B 335 -4.85 -18.29 -1.04
C GLY B 335 -6.08 -19.18 -0.93
N GLU B 336 -5.96 -20.41 -1.42
CA GLU B 336 -7.04 -21.38 -1.37
C GLU B 336 -7.57 -21.52 0.06
N ARG B 337 -8.88 -21.57 0.21
CA ARG B 337 -9.49 -21.74 1.54
C ARG B 337 -9.24 -23.16 2.01
N PRO B 338 -9.22 -23.41 3.33
CA PRO B 338 -8.88 -24.75 3.80
C PRO B 338 -9.67 -25.87 3.09
N THR B 339 -8.95 -26.90 2.65
CA THR B 339 -9.51 -27.94 1.80
C THR B 339 -8.76 -29.25 2.04
N VAL B 340 -9.51 -30.36 2.04
CA VAL B 340 -9.01 -31.69 2.40
C VAL B 340 -8.32 -32.41 1.22
N ASN B 341 -7.19 -33.07 1.51
CA ASN B 341 -6.44 -33.89 0.55
C ASN B 341 -6.49 -33.33 -0.87
N PRO B 342 -6.02 -32.08 -1.06
CA PRO B 342 -6.16 -31.42 -2.35
C PRO B 342 -5.22 -31.98 -3.42
N ALA B 343 -4.24 -32.77 -3.01
CA ALA B 343 -3.19 -33.24 -3.92
C ALA B 343 -2.46 -34.46 -3.34
N PRO B 344 -1.74 -35.23 -4.19
CA PRO B 344 -1.00 -36.39 -3.71
C PRO B 344 -0.02 -36.08 -2.57
N GLY B 345 -0.18 -36.80 -1.45
CA GLY B 345 0.71 -36.65 -0.29
C GLY B 345 0.35 -35.50 0.64
N VAL B 346 -0.66 -34.72 0.27
CA VAL B 346 -1.07 -33.55 1.05
C VAL B 346 -2.37 -33.83 1.78
N ASP B 347 -2.34 -33.78 3.11
CA ASP B 347 -3.54 -33.99 3.95
C ASP B 347 -4.55 -32.87 3.80
N ALA B 348 -4.06 -31.63 3.68
CA ALA B 348 -4.90 -30.44 3.58
C ALA B 348 -4.10 -29.21 3.21
N TYR B 349 -4.76 -28.24 2.60
CA TYR B 349 -4.31 -26.85 2.60
C TYR B 349 -4.98 -26.21 3.82
N VAL B 350 -4.22 -25.44 4.59
CA VAL B 350 -4.73 -24.92 5.85
C VAL B 350 -4.40 -23.45 6.01
N TRP B 351 -5.18 -22.76 6.83
CA TRP B 351 -4.90 -21.38 7.19
C TRP B 351 -4.33 -21.39 8.58
N VAL B 352 -3.00 -21.41 8.69
CA VAL B 352 -2.35 -21.51 10.00
C VAL B 352 -2.01 -20.12 10.54
N LYS B 353 -1.31 -19.32 9.74
CA LYS B 353 -1.14 -17.89 9.99
C LYS B 353 -2.51 -17.25 9.77
N PRO B 354 -3.09 -16.62 10.82
CA PRO B 354 -4.41 -16.03 10.62
C PRO B 354 -4.33 -14.72 9.83
N PRO B 355 -4.99 -14.65 8.67
CA PRO B 355 -4.91 -13.49 7.77
C PRO B 355 -5.31 -12.19 8.46
N GLY B 356 -4.49 -11.16 8.28
CA GLY B 356 -4.70 -9.89 8.95
C GLY B 356 -3.79 -9.69 10.15
N GLU B 357 -3.30 -10.77 10.74
CA GLU B 357 -2.33 -10.65 11.85
C GLU B 357 -0.92 -10.38 11.32
N SER B 358 -0.26 -9.35 11.87
CA SER B 358 1.01 -8.86 11.34
C SER B 358 2.16 -9.86 11.51
N ASP B 359 3.17 -9.78 10.63
CA ASP B 359 4.40 -10.56 10.74
C ASP B 359 5.44 -9.85 11.61
N GLY B 360 5.16 -8.60 11.96
CA GLY B 360 6.14 -7.76 12.65
C GLY B 360 5.97 -6.27 12.40
N ALA B 361 6.50 -5.46 13.31
CA ALA B 361 6.31 -4.03 13.28
C ALA B 361 7.23 -3.36 12.25
N SER B 362 6.70 -2.35 11.55
CA SER B 362 7.48 -1.60 10.57
C SER B 362 8.42 -0.57 11.21
N GLU B 363 8.28 -0.36 12.53
CA GLU B 363 9.15 0.55 13.27
C GLU B 363 9.32 0.06 14.70
N GLU B 364 10.16 0.76 15.46
CA GLU B 364 10.35 0.49 16.88
C GLU B 364 9.06 0.73 17.65
N ILE B 365 8.53 -0.32 18.29
CA ILE B 365 7.37 -0.17 19.17
C ILE B 365 7.61 -0.87 20.53
N PRO B 366 7.41 -0.14 21.65
CA PRO B 366 7.53 -0.76 22.98
C PRO B 366 6.52 -1.88 23.21
N ASN B 367 7.02 -3.05 23.61
CA ASN B 367 6.17 -4.20 23.92
C ASN B 367 6.75 -5.06 25.03
N ASP B 368 5.90 -5.86 25.67
CA ASP B 368 6.33 -6.79 26.72
C ASP B 368 6.41 -8.25 26.22
N GLU B 369 6.41 -8.42 24.91
CA GLU B 369 6.36 -9.76 24.30
C GLU B 369 7.76 -10.30 23.95
N GLY B 370 8.78 -9.52 24.27
CA GLY B 370 10.18 -9.87 23.94
C GLY B 370 10.48 -9.76 22.45
N LYS B 371 9.68 -9.00 21.73
CA LYS B 371 9.84 -8.83 20.29
C LYS B 371 10.55 -7.51 19.95
N GLY B 372 11.60 -7.62 19.13
CA GLY B 372 12.35 -6.44 18.70
C GLY B 372 11.98 -6.02 17.30
N PHE B 373 12.50 -4.86 16.90
CA PHE B 373 12.24 -4.29 15.58
C PHE B 373 13.13 -4.96 14.53
N ASP B 374 12.50 -5.76 13.68
CA ASP B 374 13.21 -6.41 12.58
C ASP B 374 13.06 -5.58 11.32
N ARG B 375 14.19 -5.25 10.70
CA ARG B 375 14.19 -4.37 9.54
C ARG B 375 13.64 -5.01 8.26
N MET B 376 13.50 -6.33 8.25
CA MET B 376 12.77 -7.01 7.14
C MET B 376 11.29 -6.64 7.09
N CYS B 377 10.77 -6.07 8.17
CA CYS B 377 9.42 -5.53 8.21
C CYS B 377 9.40 -4.00 7.96
N ASP B 378 10.57 -3.43 7.75
CA ASP B 378 10.71 -2.01 7.45
C ASP B 378 10.67 -1.85 5.92
N PRO B 379 9.66 -1.12 5.40
CA PRO B 379 9.52 -0.96 3.94
C PRO B 379 10.77 -0.37 3.29
N THR B 380 11.46 0.50 4.02
CA THR B 380 12.57 1.27 3.48
C THR B 380 13.90 0.53 3.62
N TYR B 381 13.85 -0.66 4.19
CA TYR B 381 15.04 -1.50 4.35
C TYR B 381 15.51 -2.02 3.01
N GLN B 382 16.80 -1.80 2.74
CA GLN B 382 17.41 -2.19 1.47
C GLN B 382 18.01 -3.59 1.50
N GLY B 383 17.76 -4.34 2.56
CA GLY B 383 18.07 -5.77 2.60
C GLY B 383 19.42 -6.19 3.12
N ASN B 384 19.73 -7.47 2.96
CA ASN B 384 20.98 -8.06 3.41
C ASN B 384 21.30 -9.33 2.61
N ALA B 385 22.36 -10.03 3.01
CA ALA B 385 22.87 -11.20 2.30
C ALA B 385 21.85 -12.34 2.08
N ARG B 386 20.95 -12.53 3.05
CA ARG B 386 20.00 -13.65 2.97
CA ARG B 386 19.97 -13.62 3.02
C ARG B 386 18.74 -13.33 2.14
N ASN B 387 18.61 -12.07 1.70
CA ASN B 387 17.50 -11.66 0.81
C ASN B 387 17.98 -11.09 -0.53
N GLY B 388 19.26 -11.28 -0.82
CA GLY B 388 19.87 -10.80 -2.07
C GLY B 388 20.03 -9.28 -2.08
N ASN B 389 20.14 -8.69 -0.89
CA ASN B 389 20.34 -7.24 -0.74
C ASN B 389 19.26 -6.41 -1.45
N ASN B 390 18.01 -6.85 -1.28
CA ASN B 390 16.85 -6.28 -1.94
C ASN B 390 15.95 -5.51 -0.98
N PRO B 391 15.13 -4.57 -1.49
CA PRO B 391 14.14 -3.94 -0.61
C PRO B 391 13.28 -5.02 0.04
N SER B 392 12.90 -4.79 1.29
CA SER B 392 12.13 -5.76 2.08
C SER B 392 10.81 -6.19 1.44
N GLY B 393 10.14 -5.26 0.76
CA GLY B 393 8.82 -5.52 0.16
C GLY B 393 7.69 -5.48 1.17
N ALA B 394 7.99 -5.05 2.39
CA ALA B 394 7.03 -5.05 3.49
C ALA B 394 6.02 -3.92 3.40
N LEU B 395 4.83 -4.19 3.93
CA LEU B 395 3.78 -3.17 4.01
C LEU B 395 4.14 -2.11 5.05
N PRO B 396 3.85 -0.83 4.75
CA PRO B 396 4.18 0.24 5.70
C PRO B 396 3.21 0.29 6.89
N ASN B 397 3.66 0.91 7.98
CA ASN B 397 2.85 1.11 9.18
C ASN B 397 2.22 -0.18 9.72
N ALA B 398 3.07 -1.18 9.91
CA ALA B 398 2.66 -2.47 10.44
C ALA B 398 2.83 -2.51 11.96
N PRO B 399 1.94 -3.22 12.65
CA PRO B 399 2.10 -3.37 14.10
C PRO B 399 2.91 -4.61 14.44
N ILE B 400 3.25 -4.75 15.73
CA ILE B 400 3.96 -5.92 16.25
C ILE B 400 3.30 -7.21 15.76
N SER B 401 4.14 -8.21 15.46
CA SER B 401 3.69 -9.49 14.94
C SER B 401 2.57 -10.05 15.80
N GLY B 402 1.54 -10.57 15.13
CA GLY B 402 0.38 -11.11 15.82
C GLY B 402 -0.75 -10.12 16.00
N HIS B 403 -0.42 -8.84 16.01
CA HIS B 403 -1.43 -7.79 16.18
C HIS B 403 -2.16 -7.61 14.89
N TRP B 404 -3.39 -7.11 14.99
CA TRP B 404 -4.24 -6.93 13.83
C TRP B 404 -3.72 -5.83 12.94
N PHE B 405 -3.51 -6.18 11.67
CA PHE B 405 -2.96 -5.27 10.68
C PHE B 405 -4.04 -5.05 9.60
N SER B 406 -4.85 -4.03 9.85
CA SER B 406 -6.02 -3.71 9.04
C SER B 406 -5.74 -3.55 7.55
N ALA B 407 -4.70 -2.80 7.20
CA ALA B 407 -4.36 -2.59 5.79
C ALA B 407 -4.04 -3.92 5.11
N GLN B 408 -3.30 -4.78 5.80
CA GLN B 408 -2.92 -6.06 5.23
C GLN B 408 -4.11 -6.96 4.99
N PHE B 409 -5.05 -6.98 5.94
CA PHE B 409 -6.25 -7.79 5.76
C PHE B 409 -7.03 -7.38 4.51
N ARG B 410 -7.21 -6.08 4.34
CA ARG B 410 -7.96 -5.53 3.21
C ARG B 410 -7.32 -5.90 1.88
N GLU B 411 -6.02 -5.71 1.77
CA GLU B 411 -5.31 -6.07 0.54
C GLU B 411 -5.39 -7.57 0.29
N LEU B 412 -5.20 -8.38 1.32
CA LEU B 412 -5.32 -9.84 1.23
C LEU B 412 -6.68 -10.27 0.69
N LEU B 413 -7.73 -9.70 1.26
CA LEU B 413 -9.10 -9.96 0.84
C LEU B 413 -9.27 -9.60 -0.65
N ALA B 414 -8.87 -8.39 -1.02
CA ALA B 414 -8.94 -7.93 -2.41
C ALA B 414 -8.25 -8.89 -3.38
N ASN B 415 -7.08 -9.38 -3.00
CA ASN B 415 -6.30 -10.21 -3.92
C ASN B 415 -6.47 -11.72 -3.75
N ALA B 416 -7.56 -12.12 -3.09
CA ALA B 416 -7.86 -13.54 -2.89
C ALA B 416 -7.84 -14.31 -4.21
N TYR B 417 -7.27 -15.51 -4.18
CA TYR B 417 -7.34 -16.43 -5.31
C TYR B 417 -7.46 -17.87 -4.83
N PRO B 418 -8.42 -18.63 -5.39
CA PRO B 418 -9.44 -18.17 -6.33
C PRO B 418 -10.32 -17.07 -5.71
N PRO B 419 -10.95 -16.24 -6.56
CA PRO B 419 -11.73 -15.12 -6.04
C PRO B 419 -12.85 -15.60 -5.13
N LEU B 420 -13.26 -14.75 -4.19
CA LEU B 420 -14.29 -15.09 -3.24
C LEU B 420 -15.68 -14.97 -3.86
C2 BGC C . -22.48 30.20 -4.07
C3 BGC C . -21.80 29.15 -4.95
C4 BGC C . -21.45 27.85 -4.21
C5 BGC C . -22.58 27.43 -3.26
C6 BGC C . -22.14 26.30 -2.34
C1 BGC C . -23.57 29.59 -3.19
O1 BGC C . -24.03 30.56 -2.27
O2 BGC C . -23.02 31.21 -4.88
O3 BGC C . -20.62 29.70 -5.50
O4 BGC C . -21.28 26.82 -5.16
O5 BGC C . -23.02 28.51 -2.45
O6 BGC C . -23.25 25.53 -1.97
C2 BGC C . -19.85 25.25 -6.21
C3 BGC C . -18.43 24.94 -6.69
C4 BGC C . -17.80 26.07 -7.50
C5 BGC C . -18.08 27.45 -6.88
C6 BGC C . -17.75 28.58 -7.85
C1 BGC C . -19.91 26.62 -5.56
O2 BGC C . -20.29 24.30 -5.29
O3 BGC C . -18.46 23.76 -7.46
O4 BGC C . -16.39 25.89 -7.52
O5 BGC C . -19.44 27.59 -6.48
O6 BGC C . -16.66 29.31 -7.37
C2 BGC C . -14.35 25.77 -8.74
C3 BGC C . -13.57 25.27 -9.96
C4 BGC C . -14.10 23.97 -10.55
C5 BGC C . -15.63 23.92 -10.54
C6 BGC C . -16.16 22.55 -10.93
C1 BGC C . -15.86 25.57 -8.83
O2 BGC C . -14.08 27.14 -8.54
O3 BGC C . -12.23 25.06 -9.57
O4 BGC C . -13.62 23.86 -11.87
O5 BGC C . -16.17 24.26 -9.26
O6 BGC C . -17.58 22.54 -10.93
C2 BGC C . -12.57 22.44 -13.52
C3 BGC C . -11.34 21.58 -13.88
C4 BGC C . -10.02 22.30 -13.55
C5 BGC C . -10.11 22.71 -12.07
C6 BGC C . -8.92 23.55 -11.61
C1 BGC C . -12.54 22.91 -12.06
O2 BGC C . -13.77 21.73 -13.74
O3 BGC C . -11.43 21.23 -15.23
O4 BGC C . -8.86 21.48 -13.78
O5 BGC C . -11.28 23.47 -11.75
O6 BGC C . -9.10 23.79 -10.23
C2 BGC C . -7.04 22.43 -15.20
C3 BGC C . -6.00 21.97 -16.24
C4 BGC C . -5.62 20.49 -16.17
C5 BGC C . -6.77 19.64 -15.63
C6 BGC C . -6.48 19.11 -14.23
C1 BGC C . -8.29 21.54 -15.12
O2 BGC C . -7.49 23.71 -15.56
O3 BGC C . -4.83 22.75 -16.11
O4 BGC C . -5.29 20.10 -17.49
O5 BGC C . -8.04 20.26 -15.72
O6 BGC C . -6.79 20.08 -13.27
C2 BGC C . -4.23 18.44 -18.90
C3 BGC C . -3.05 17.48 -19.04
C4 BGC C . -1.73 18.17 -18.69
C5 BGC C . -1.83 18.90 -17.36
C6 BGC C . -0.55 19.64 -16.99
C1 BGC C . -4.19 19.16 -17.55
O2 BGC C . -5.43 17.69 -19.09
O3 BGC C . -2.97 17.01 -20.37
O4 BGC C . -0.74 17.16 -18.61
O5 BGC C . -2.94 19.80 -17.38
O6 BGC C . -0.36 20.80 -17.79
C2 BGC D . 13.80 -17.85 4.07
C3 BGC D . 12.91 -17.13 5.10
C4 BGC D . 13.48 -17.08 6.52
C5 BGC D . 15.00 -16.89 6.51
C6 BGC D . 15.61 -17.17 7.87
C1 BGC D . 15.28 -17.51 4.24
O1 BGC D . 16.09 -18.33 3.40
O2 BGC D . 13.41 -17.51 2.76
O3 BGC D . 11.65 -17.76 5.15
O4 BGC D . 12.89 -16.02 7.24
O5 BGC D . 15.64 -17.74 5.59
O6 BGC D . 17.01 -17.06 7.75
C2 BGC D . 11.91 -15.37 9.37
C3 BGC D . 10.81 -15.62 10.41
C4 BGC D . 9.43 -15.82 9.78
C5 BGC D . 9.58 -16.88 8.66
C6 BGC D . 8.30 -17.08 7.86
C1 BGC D . 11.93 -16.42 8.25
O2 BGC D . 13.19 -15.30 9.96
O3 BGC D . 10.75 -14.51 11.29
O4 BGC D . 8.45 -16.23 10.74
O5 BGC D . 10.63 -16.58 7.72
O6 BGC D . 8.56 -18.06 6.88
C2 BGC D . 6.33 -14.90 10.77
C3 BGC D . 5.27 -14.32 11.72
C4 BGC D . 5.08 -15.11 13.01
C5 BGC D . 6.36 -15.83 13.44
C6 BGC D . 6.18 -17.34 13.31
C1 BGC D . 7.68 -15.16 11.40
O2 BGC D . 6.53 -13.94 9.76
O3 BGC D . 4.01 -14.25 11.09
O4 BGC D . 4.66 -14.22 14.01
O5 BGC D . 7.57 -15.36 12.82
O6 BGC D . 6.69 -17.78 12.09
C2 BGC D . 3.72 -14.00 16.21
C3 BGC D . 2.70 -14.58 17.20
C4 BGC D . 1.33 -14.74 16.56
C5 BGC D . 1.43 -15.46 15.21
C6 BGC D . 0.09 -15.52 14.48
C1 BGC D . 3.71 -14.81 14.91
O2 BGC D . 5.00 -13.98 16.82
O3 BGC D . 2.62 -13.73 18.33
O4 BGC D . 0.53 -15.51 17.42
O5 BGC D . 2.41 -14.84 14.39
O6 BGC D . -0.28 -14.25 13.97
CA CA E . 4.02 14.35 7.45
CA CA F . -23.37 38.55 -16.60
CA CA G . -1.43 -39.94 7.61
#